data_2P8U
#
_entry.id   2P8U
#
_cell.length_a   92.762
_cell.length_b   92.762
_cell.length_c   235.532
_cell.angle_alpha   90.00
_cell.angle_beta   90.00
_cell.angle_gamma   90.00
#
_symmetry.space_group_name_H-M   'P 43 21 2'
#
loop_
_entity.id
_entity.type
_entity.pdbx_description
1 polymer 'Hydroxymethylglutaryl-CoA synthase, cytoplasmic'
2 non-polymer 'COENZYME A'
3 non-polymer GLYCEROL
4 water water
#
_entity_poly.entity_id   1
_entity_poly.type   'polypeptide(L)'
_entity_poly.pdbx_seq_one_letter_code
;MHHHHHHSSGVDLGTENLYFQSMDVGIVALEIYFPSQYVDQAELEKYDGVDAGKYTIGLGQAKMGFCTDREDINSLCMTV
VQNLMERNNLSYDCIGRLEVGTETIIDKSKSVKTNLMQLFEESGNTDIEGIDTTNA(SCY)YGGTAAVFNAVNWIESSSW
DGRYALVVAGDIAVYATGNARPTGGVGAVALLIGPNAPLIFERGLRGTHMQHAYDFYKPDMLSEYPIVDGKLSIQCYLSA
LDRCYSVYCKKIHAQWQKEGNDKDFTLNDFGFMIFHSPYCKLVQKSLARMLLNDFLNDQNRDKNSIYSGLEAFGDVKLED
TYFDRDVEKAFMKASSELFSQKTKASLLVSNQNGNMYTSSVYGSLASVLAQYSPQQLAGKRIGVFSYGSGLAATLYSLKV
TQDATPGSALDKITASLCDLKSRLDSRTGVAPDVFAENMKLREDTHHLVNYIPQGSIDSLFEGTWYLVRVDEKHRRTYAR
RP
;
_entity_poly.pdbx_strand_id   A,B
#
# COMPACT_ATOMS: atom_id res chain seq x y z
N ASN A 17 16.45 -21.29 -9.25
CA ASN A 17 15.00 -21.58 -9.39
C ASN A 17 14.53 -22.74 -8.50
N LEU A 18 15.48 -23.56 -8.03
CA LEU A 18 15.17 -24.67 -7.10
C LEU A 18 14.85 -24.18 -5.68
N TYR A 19 15.26 -22.95 -5.37
CA TYR A 19 14.94 -22.36 -4.07
C TYR A 19 13.42 -22.13 -3.96
N PHE A 20 12.86 -21.48 -4.98
CA PHE A 20 11.41 -21.20 -5.03
C PHE A 20 10.54 -22.45 -5.21
N GLN A 21 11.09 -23.45 -5.92
CA GLN A 21 10.36 -24.71 -6.17
C GLN A 21 10.08 -25.45 -4.86
N SER A 22 11.08 -25.50 -3.99
CA SER A 22 10.96 -26.24 -2.72
C SER A 22 9.87 -25.63 -1.82
N MET A 23 9.65 -24.33 -1.97
CA MET A 23 8.90 -23.56 -0.99
C MET A 23 7.40 -23.85 -1.01
N ASP A 24 6.80 -24.05 -2.19
CA ASP A 24 5.35 -24.25 -2.31
C ASP A 24 4.61 -23.16 -1.50
N VAL A 25 4.97 -21.91 -1.75
CA VAL A 25 4.36 -20.81 -1.03
C VAL A 25 2.87 -20.73 -1.40
N GLY A 26 2.05 -20.57 -0.37
CA GLY A 26 0.63 -20.51 -0.55
C GLY A 26 -0.13 -20.13 0.70
N ILE A 27 -1.43 -20.31 0.59
CA ILE A 27 -2.38 -20.00 1.65
C ILE A 27 -2.49 -21.18 2.56
N VAL A 28 -2.13 -20.95 3.82
CA VAL A 28 -2.12 -22.02 4.82
C VAL A 28 -3.35 -21.95 5.73
N ALA A 29 -3.96 -20.78 5.86
CA ALA A 29 -5.24 -20.60 6.57
C ALA A 29 -6.04 -19.43 6.00
N LEU A 30 -7.37 -19.53 6.12
CA LEU A 30 -8.25 -18.51 5.61
C LEU A 30 -9.39 -18.31 6.59
N GLU A 31 -9.48 -17.09 7.12
CA GLU A 31 -10.50 -16.66 8.07
C GLU A 31 -11.39 -15.62 7.41
N ILE A 32 -12.69 -15.72 7.61
CA ILE A 32 -13.64 -14.74 7.09
C ILE A 32 -14.48 -14.22 8.24
N TYR A 33 -14.80 -12.93 8.15
CA TYR A 33 -15.67 -12.25 9.12
C TYR A 33 -16.72 -11.42 8.35
N PHE A 34 -17.98 -11.53 8.77
CA PHE A 34 -19.07 -10.66 8.33
C PHE A 34 -19.94 -10.34 9.53
N PRO A 35 -20.63 -9.19 9.48
CA PRO A 35 -21.52 -8.78 10.57
C PRO A 35 -22.75 -9.67 10.71
N SER A 36 -23.47 -9.51 11.81
CA SER A 36 -24.51 -10.43 12.18
C SER A 36 -25.90 -10.02 11.70
N GLN A 37 -26.00 -8.96 10.89
CA GLN A 37 -27.27 -8.56 10.29
C GLN A 37 -27.13 -8.28 8.79
N TYR A 38 -28.24 -8.48 8.08
CA TYR A 38 -28.34 -8.22 6.64
C TYR A 38 -29.73 -7.65 6.36
N VAL A 39 -29.90 -7.07 5.18
CA VAL A 39 -31.23 -6.77 4.61
C VAL A 39 -31.49 -7.76 3.46
N ASP A 40 -32.73 -8.28 3.43
CA ASP A 40 -33.16 -9.22 2.41
C ASP A 40 -33.50 -8.49 1.10
N GLN A 41 -32.95 -8.98 -0.01
CA GLN A 41 -33.09 -8.30 -1.30
C GLN A 41 -34.53 -8.28 -1.86
N ALA A 42 -35.27 -9.37 -1.71
CA ALA A 42 -36.69 -9.39 -2.06
C ALA A 42 -37.49 -8.33 -1.26
N GLU A 43 -37.18 -8.16 0.02
CA GLU A 43 -37.83 -7.11 0.81
C GLU A 43 -37.35 -5.75 0.35
N LEU A 44 -36.06 -5.61 0.04
CA LEU A 44 -35.53 -4.34 -0.48
C LEU A 44 -36.20 -3.92 -1.79
N GLU A 45 -36.48 -4.88 -2.68
CA GLU A 45 -37.23 -4.62 -3.92
C GLU A 45 -38.57 -3.94 -3.62
N LYS A 46 -39.31 -4.53 -2.68
CA LYS A 46 -40.60 -3.99 -2.27
C LYS A 46 -40.42 -2.61 -1.65
N TYR A 47 -39.43 -2.45 -0.77
CA TYR A 47 -39.17 -1.15 -0.16
C TYR A 47 -38.86 -0.08 -1.21
N ASP A 48 -38.00 -0.39 -2.17
CA ASP A 48 -37.60 0.59 -3.20
C ASP A 48 -38.66 0.79 -4.24
N GLY A 49 -39.70 -0.04 -4.18
CA GLY A 49 -40.78 0.00 -5.13
C GLY A 49 -40.38 -0.38 -6.54
N VAL A 50 -39.45 -1.31 -6.66
CA VAL A 50 -39.06 -1.83 -7.98
C VAL A 50 -39.80 -3.14 -8.29
N ASP A 51 -39.74 -3.54 -9.56
CA ASP A 51 -40.39 -4.77 -10.04
C ASP A 51 -39.77 -5.97 -9.36
N ALA A 52 -40.62 -6.93 -9.00
CA ALA A 52 -40.15 -8.18 -8.40
C ALA A 52 -39.05 -8.81 -9.29
N GLY A 53 -37.99 -9.29 -8.65
CA GLY A 53 -36.86 -9.90 -9.36
C GLY A 53 -35.72 -9.01 -9.78
N LYS A 54 -35.91 -7.68 -9.79
CA LYS A 54 -34.84 -6.75 -10.18
C LYS A 54 -33.50 -7.06 -9.47
N TYR A 55 -33.56 -7.27 -8.16
CA TYR A 55 -32.35 -7.54 -7.39
C TYR A 55 -32.04 -9.03 -7.32
N THR A 56 -33.05 -9.85 -7.00
CA THR A 56 -32.78 -11.26 -6.74
C THR A 56 -32.41 -12.04 -8.01
N ILE A 57 -32.95 -11.59 -9.15
CA ILE A 57 -32.67 -12.22 -10.45
C ILE A 57 -31.77 -11.36 -11.30
N GLY A 58 -32.17 -10.11 -11.50
CA GLY A 58 -31.39 -9.12 -12.25
C GLY A 58 -29.96 -9.02 -11.80
N LEU A 59 -29.73 -8.68 -10.54
CA LEU A 59 -28.37 -8.67 -9.98
C LEU A 59 -27.96 -10.07 -9.50
N GLY A 60 -28.93 -10.92 -9.20
CA GLY A 60 -28.66 -12.25 -8.66
C GLY A 60 -28.31 -12.28 -7.18
N GLN A 61 -28.90 -11.38 -6.40
CA GLN A 61 -28.49 -11.11 -5.03
C GLN A 61 -29.62 -11.47 -4.04
N ALA A 62 -29.30 -12.19 -2.96
CA ALA A 62 -30.33 -12.61 -1.99
C ALA A 62 -30.36 -11.78 -0.71
N LYS A 63 -29.19 -11.51 -0.14
CA LYS A 63 -29.07 -10.77 1.12
C LYS A 63 -27.82 -9.87 1.11
N MET A 64 -27.92 -8.70 1.76
CA MET A 64 -26.80 -7.76 1.83
C MET A 64 -26.47 -7.45 3.28
N GLY A 65 -25.26 -7.80 3.68
CA GLY A 65 -24.79 -7.50 5.02
C GLY A 65 -24.56 -6.01 5.20
N PHE A 66 -24.71 -5.55 6.45
CA PHE A 66 -24.41 -4.15 6.78
C PHE A 66 -24.03 -4.02 8.25
N CYS A 67 -23.38 -2.91 8.56
CA CYS A 67 -22.88 -2.65 9.91
C CYS A 67 -23.76 -1.65 10.65
N THR A 68 -23.85 -1.84 11.96
CA THR A 68 -24.31 -0.80 12.86
C THR A 68 -23.16 0.17 13.13
N ASP A 69 -23.43 1.19 13.93
CA ASP A 69 -22.39 2.16 14.33
C ASP A 69 -21.24 1.60 15.20
N ARG A 70 -21.35 0.34 15.61
CA ARG A 70 -20.34 -0.32 16.45
C ARG A 70 -19.14 -0.88 15.71
N GLU A 71 -19.21 -0.93 14.37
CA GLU A 71 -18.13 -1.50 13.57
C GLU A 71 -17.59 -0.53 12.54
N ASP A 72 -16.27 -0.52 12.40
CA ASP A 72 -15.59 0.28 11.40
C ASP A 72 -14.45 -0.56 10.79
N ILE A 73 -13.70 0.04 9.86
CA ILE A 73 -12.67 -0.73 9.14
C ILE A 73 -11.64 -1.32 10.11
N ASN A 74 -11.30 -0.59 11.17
CA ASN A 74 -10.35 -1.07 12.15
C ASN A 74 -10.88 -2.27 12.92
N SER A 75 -12.11 -2.17 13.37
CA SER A 75 -12.74 -3.24 14.17
C SER A 75 -12.92 -4.53 13.34
N LEU A 76 -13.31 -4.37 12.08
CA LEU A 76 -13.47 -5.52 11.16
C LEU A 76 -12.16 -6.29 11.01
N CYS A 77 -11.07 -5.53 10.84
CA CYS A 77 -9.76 -6.11 10.61
C CYS A 77 -9.21 -6.74 11.88
N MET A 78 -9.40 -6.07 13.03
CA MET A 78 -8.97 -6.63 14.31
C MET A 78 -9.69 -7.96 14.57
N THR A 79 -10.96 -7.98 14.26
CA THR A 79 -11.80 -9.17 14.48
C THR A 79 -11.30 -10.36 13.71
N VAL A 80 -11.09 -10.18 12.40
CA VAL A 80 -10.72 -11.31 11.54
C VAL A 80 -9.32 -11.81 11.88
N VAL A 81 -8.42 -10.88 12.22
CA VAL A 81 -7.06 -11.27 12.59
C VAL A 81 -7.06 -12.10 13.85
N GLN A 82 -7.73 -11.64 14.90
CA GLN A 82 -7.70 -12.35 16.16
C GLN A 82 -8.45 -13.67 16.08
N ASN A 83 -9.52 -13.73 15.30
CA ASN A 83 -10.21 -14.99 15.06
C ASN A 83 -9.31 -16.01 14.36
N LEU A 84 -8.54 -15.56 13.38
CA LEU A 84 -7.59 -16.45 12.70
C LEU A 84 -6.52 -16.99 13.69
N MET A 85 -5.97 -16.10 14.50
CA MET A 85 -4.87 -16.43 15.42
C MET A 85 -5.34 -17.42 16.47
N GLU A 86 -6.56 -17.23 16.95
CA GLU A 86 -7.13 -18.15 17.90
C GLU A 86 -7.49 -19.48 17.28
N ARG A 87 -8.18 -19.49 16.14
CA ARG A 87 -8.54 -20.75 15.52
C ARG A 87 -7.30 -21.62 15.32
N ASN A 88 -6.24 -20.96 14.90
CA ASN A 88 -5.03 -21.66 14.46
C ASN A 88 -3.97 -21.83 15.55
N ASN A 89 -4.29 -21.42 16.77
CA ASN A 89 -3.43 -21.58 17.93
C ASN A 89 -2.08 -20.96 17.65
N LEU A 90 -2.09 -19.73 17.15
CA LEU A 90 -0.85 -19.07 16.73
C LEU A 90 -0.38 -18.03 17.74
N SER A 91 0.92 -18.07 18.04
CA SER A 91 1.57 -17.02 18.80
C SER A 91 1.71 -15.77 17.95
N TYR A 92 1.52 -14.61 18.56
CA TYR A 92 1.71 -13.33 17.87
C TYR A 92 3.18 -13.10 17.45
N ASP A 93 4.10 -13.88 18.04
CA ASP A 93 5.50 -13.88 17.64
C ASP A 93 5.80 -14.59 16.31
N CYS A 94 4.84 -15.32 15.77
CA CYS A 94 5.06 -16.09 14.55
CA CYS A 94 4.99 -16.09 14.54
C CYS A 94 4.63 -15.34 13.27
N ILE A 95 4.24 -14.08 13.39
CA ILE A 95 3.88 -13.23 12.25
C ILE A 95 5.04 -12.27 11.95
N GLY A 96 5.55 -12.31 10.71
CA GLY A 96 6.70 -11.47 10.31
C GLY A 96 6.32 -10.40 9.30
N ARG A 97 5.12 -10.50 8.75
CA ARG A 97 4.59 -9.51 7.83
C ARG A 97 3.11 -9.43 8.04
N LEU A 98 2.59 -8.22 8.11
CA LEU A 98 1.16 -8.00 8.32
C LEU A 98 0.82 -6.76 7.50
N GLU A 99 -0.18 -6.90 6.64
CA GLU A 99 -0.55 -5.81 5.72
C GLU A 99 -2.04 -5.87 5.43
N VAL A 100 -2.62 -4.70 5.26
CA VAL A 100 -4.03 -4.55 5.00
C VAL A 100 -4.28 -3.99 3.60
N GLY A 101 -5.13 -4.68 2.86
CA GLY A 101 -5.74 -4.16 1.65
C GLY A 101 -7.16 -3.67 1.94
N THR A 102 -7.47 -2.44 1.55
CA THR A 102 -8.79 -1.86 1.78
C THR A 102 -8.98 -0.64 0.87
N GLU A 103 -10.24 -0.18 0.73
CA GLU A 103 -10.54 1.13 0.17
C GLU A 103 -11.49 1.92 1.10
N THR A 104 -11.61 1.45 2.33
CA THR A 104 -12.44 2.10 3.36
C THR A 104 -11.48 2.94 4.20
N ILE A 105 -11.39 4.22 3.86
CA ILE A 105 -10.36 5.12 4.39
C ILE A 105 -10.98 6.10 5.37
N ILE A 106 -10.64 5.96 6.65
CA ILE A 106 -11.12 6.91 7.67
C ILE A 106 -9.97 7.77 8.23
N ASP A 107 -8.79 7.58 7.67
CA ASP A 107 -7.62 8.38 7.98
C ASP A 107 -6.70 8.39 6.73
N LYS A 108 -6.31 9.58 6.32
CA LYS A 108 -5.47 9.74 5.14
C LYS A 108 -3.99 9.43 5.35
N SER A 109 -3.55 9.36 6.63
CA SER A 109 -2.14 9.09 6.99
CA SER A 109 -2.13 9.05 6.94
C SER A 109 -1.94 7.77 7.76
N LYS A 110 -2.82 7.53 8.73
CA LYS A 110 -2.64 6.44 9.69
C LYS A 110 -3.25 5.14 9.20
N SER A 111 -2.39 4.14 8.99
CA SER A 111 -2.79 2.88 8.43
C SER A 111 -3.62 2.03 9.40
N VAL A 112 -4.48 1.19 8.84
CA VAL A 112 -5.18 0.18 9.63
C VAL A 112 -4.14 -0.72 10.29
N LYS A 113 -3.06 -1.02 9.55
CA LYS A 113 -1.99 -1.85 10.10
C LYS A 113 -1.50 -1.34 11.46
N THR A 114 -1.26 -0.03 11.57
CA THR A 114 -0.80 0.51 12.86
C THR A 114 -1.83 0.28 13.97
N ASN A 115 -3.12 0.43 13.64
CA ASN A 115 -4.19 0.09 14.61
C ASN A 115 -4.13 -1.38 15.07
N LEU A 116 -3.83 -2.28 14.13
CA LEU A 116 -3.74 -3.73 14.40
C LEU A 116 -2.62 -4.08 15.38
N MET A 117 -1.63 -3.21 15.51
CA MET A 117 -0.52 -3.44 16.40
C MET A 117 -0.97 -3.51 17.88
N GLN A 118 -2.12 -2.92 18.20
CA GLN A 118 -2.79 -3.16 19.51
C GLN A 118 -2.80 -4.62 19.94
N LEU A 119 -3.02 -5.51 18.98
CA LEU A 119 -3.14 -6.94 19.20
C LEU A 119 -1.80 -7.61 19.44
N PHE A 120 -0.72 -6.96 19.01
CA PHE A 120 0.65 -7.51 19.09
C PHE A 120 1.48 -6.96 20.24
N GLU A 121 1.01 -5.89 20.87
CA GLU A 121 1.70 -5.28 22.02
C GLU A 121 2.11 -6.25 23.14
N GLU A 122 1.20 -7.13 23.55
CA GLU A 122 1.42 -8.06 24.62
CA GLU A 122 1.44 -8.10 24.63
C GLU A 122 2.66 -8.95 24.34
N SER A 123 2.76 -9.43 23.10
CA SER A 123 3.86 -10.33 22.72
C SER A 123 5.18 -9.62 22.63
N GLY A 124 5.15 -8.31 22.38
CA GLY A 124 6.36 -7.56 22.07
C GLY A 124 6.91 -7.73 20.65
N ASN A 125 6.19 -8.43 19.79
CA ASN A 125 6.60 -8.56 18.39
C ASN A 125 6.14 -7.34 17.62
N THR A 126 7.06 -6.39 17.43
CA THR A 126 6.74 -5.17 16.69
C THR A 126 7.54 -5.04 15.38
N ASP A 127 8.45 -5.98 15.16
CA ASP A 127 9.28 -6.06 13.97
C ASP A 127 8.49 -6.76 12.85
N ILE A 128 7.49 -6.07 12.31
CA ILE A 128 6.53 -6.71 11.37
C ILE A 128 6.37 -5.79 10.18
N GLU A 129 6.98 -6.19 9.07
CA GLU A 129 6.92 -5.44 7.84
C GLU A 129 5.47 -5.29 7.37
N GLY A 130 5.22 -4.29 6.53
CA GLY A 130 3.94 -4.12 5.87
C GLY A 130 3.15 -2.97 6.48
N ILE A 131 2.32 -2.32 5.66
CA ILE A 131 1.40 -1.29 6.13
C ILE A 131 0.03 -1.49 5.47
N ASP A 132 -0.51 -0.50 4.76
CA ASP A 132 -1.76 -0.64 4.05
C ASP A 132 -1.48 -0.39 2.58
N THR A 133 -2.35 -0.94 1.74
CA THR A 133 -2.23 -0.75 0.29
C THR A 133 -3.63 -0.67 -0.34
N THR A 134 -3.82 0.35 -1.19
CA THR A 134 -5.14 0.71 -1.71
C THR A 134 -5.17 0.99 -3.24
N ASN A 135 -6.03 0.23 -3.91
CA ASN A 135 -6.67 0.64 -5.16
C ASN A 135 -7.99 -0.11 -5.27
N ALA A 136 -9.07 0.56 -4.89
CA ALA A 136 -10.42 0.02 -5.04
C ALA A 136 -10.49 -1.43 -4.51
N TYR A 138 -8.94 -4.07 -5.45
CA TYR A 138 -7.73 -4.83 -5.80
C TYR A 138 -6.67 -4.89 -4.68
N GLY A 139 -6.80 -4.03 -3.66
CA GLY A 139 -5.81 -3.92 -2.60
C GLY A 139 -5.51 -5.20 -1.81
N GLY A 140 -6.51 -6.05 -1.62
CA GLY A 140 -6.28 -7.34 -0.98
C GLY A 140 -5.29 -8.19 -1.76
N THR A 141 -5.54 -8.30 -3.06
CA THR A 141 -4.64 -9.03 -3.97
C THR A 141 -3.23 -8.42 -4.04
N ALA A 142 -3.14 -7.09 -4.09
CA ALA A 142 -1.83 -6.43 -3.99
C ALA A 142 -1.08 -6.91 -2.74
N ALA A 143 -1.75 -6.92 -1.60
CA ALA A 143 -1.11 -7.34 -0.35
C ALA A 143 -0.73 -8.82 -0.39
N VAL A 144 -1.58 -9.63 -1.02
CA VAL A 144 -1.29 -11.07 -1.16
C VAL A 144 0.01 -11.22 -1.94
N PHE A 145 0.11 -10.53 -3.06
CA PHE A 145 1.31 -10.60 -3.84
C PHE A 145 2.51 -10.08 -3.05
N ASN A 146 2.37 -8.95 -2.36
CA ASN A 146 3.47 -8.48 -1.51
C ASN A 146 3.96 -9.54 -0.50
N ALA A 147 3.01 -10.29 0.08
CA ALA A 147 3.27 -11.33 1.08
C ALA A 147 4.04 -12.46 0.44
N VAL A 148 3.57 -12.94 -0.72
CA VAL A 148 4.25 -14.01 -1.43
C VAL A 148 5.67 -13.61 -1.81
N ASN A 149 5.81 -12.41 -2.38
CA ASN A 149 7.13 -11.89 -2.76
C ASN A 149 8.08 -11.86 -1.55
N TRP A 150 7.56 -11.38 -0.40
CA TRP A 150 8.34 -11.31 0.85
C TRP A 150 8.84 -12.69 1.31
N ILE A 151 7.96 -13.68 1.32
CA ILE A 151 8.35 -15.06 1.73
C ILE A 151 9.46 -15.57 0.85
N GLU A 152 9.42 -15.20 -0.44
CA GLU A 152 10.40 -15.67 -1.42
C GLU A 152 11.68 -14.85 -1.46
N SER A 153 11.75 -13.77 -0.69
CA SER A 153 12.87 -12.81 -0.75
C SER A 153 13.98 -13.13 0.26
N SER A 154 15.10 -12.42 0.14
CA SER A 154 16.17 -12.45 1.13
C SER A 154 15.73 -11.96 2.52
N SER A 155 14.58 -11.29 2.61
CA SER A 155 14.13 -10.67 3.87
C SER A 155 13.23 -11.57 4.69
N TRP A 156 12.84 -12.72 4.12
CA TRP A 156 12.05 -13.67 4.86
C TRP A 156 12.85 -14.16 6.05
N ASP A 157 12.20 -14.25 7.20
CA ASP A 157 12.87 -14.66 8.44
C ASP A 157 12.26 -15.90 9.04
N GLY A 158 11.52 -16.65 8.23
CA GLY A 158 10.92 -17.90 8.71
C GLY A 158 9.50 -17.77 9.23
N ARG A 159 9.04 -16.54 9.46
CA ARG A 159 7.71 -16.32 10.03
C ARG A 159 6.64 -16.26 8.94
N TYR A 160 5.39 -16.42 9.35
CA TYR A 160 4.26 -16.26 8.44
C TYR A 160 4.08 -14.83 8.00
N ALA A 161 3.51 -14.67 6.79
CA ALA A 161 2.87 -13.43 6.36
C ALA A 161 1.35 -13.53 6.66
N LEU A 162 0.76 -12.40 7.07
CA LEU A 162 -0.68 -12.33 7.33
C LEU A 162 -1.22 -11.15 6.52
N VAL A 163 -2.20 -11.43 5.65
CA VAL A 163 -2.84 -10.42 4.81
C VAL A 163 -4.27 -10.29 5.26
N VAL A 164 -4.72 -9.04 5.39
CA VAL A 164 -6.11 -8.75 5.73
C VAL A 164 -6.69 -7.88 4.65
N ALA A 165 -7.80 -8.35 4.07
CA ALA A 165 -8.61 -7.58 3.13
C ALA A 165 -9.95 -7.32 3.81
N GLY A 166 -10.33 -6.04 3.90
CA GLY A 166 -11.56 -5.67 4.58
C GLY A 166 -12.14 -4.39 4.02
N ASP A 167 -13.46 -4.29 4.06
CA ASP A 167 -14.15 -3.12 3.54
C ASP A 167 -15.58 -3.03 4.02
N ILE A 168 -16.07 -1.80 4.02
CA ILE A 168 -17.50 -1.48 4.12
C ILE A 168 -17.95 -0.83 2.81
N ALA A 169 -18.76 -1.56 2.02
CA ALA A 169 -19.23 -1.09 0.71
C ALA A 169 -20.63 -0.49 0.84
N VAL A 170 -20.71 0.82 0.66
CA VAL A 170 -21.98 1.54 0.71
C VAL A 170 -22.12 2.49 -0.48
N TYR A 171 -23.32 2.53 -1.05
CA TYR A 171 -23.62 3.43 -2.16
C TYR A 171 -24.72 4.40 -1.79
N ALA A 172 -24.75 5.54 -2.51
CA ALA A 172 -25.84 6.47 -2.41
C ALA A 172 -27.12 5.75 -2.86
N THR A 173 -28.26 6.31 -2.46
CA THR A 173 -29.54 5.79 -2.93
C THR A 173 -29.60 5.73 -4.47
N GLY A 174 -30.18 4.65 -4.99
CA GLY A 174 -30.19 4.37 -6.42
C GLY A 174 -29.82 2.94 -6.74
N ASN A 175 -29.56 2.69 -8.02
CA ASN A 175 -29.37 1.34 -8.56
C ASN A 175 -28.08 0.63 -8.10
N ALA A 176 -27.13 1.37 -7.51
CA ALA A 176 -25.93 0.77 -6.94
C ALA A 176 -26.07 0.28 -5.48
N ARG A 177 -27.02 0.84 -4.72
CA ARG A 177 -27.16 0.53 -3.30
C ARG A 177 -27.39 -0.96 -2.98
N PRO A 178 -28.25 -1.67 -3.75
CA PRO A 178 -28.35 -3.13 -3.54
C PRO A 178 -27.05 -3.91 -3.85
N THR A 179 -26.00 -3.25 -4.34
CA THR A 179 -24.74 -3.97 -4.62
C THR A 179 -23.63 -3.65 -3.62
N GLY A 180 -23.98 -3.16 -2.43
CA GLY A 180 -23.01 -2.99 -1.34
C GLY A 180 -22.84 -4.29 -0.52
N GLY A 181 -22.28 -4.13 0.68
CA GLY A 181 -21.91 -5.25 1.51
C GLY A 181 -20.79 -4.88 2.46
N VAL A 182 -20.24 -5.87 3.15
CA VAL A 182 -19.24 -5.62 4.17
C VAL A 182 -18.62 -6.95 4.60
N GLY A 183 -17.32 -6.96 4.79
CA GLY A 183 -16.66 -8.09 5.39
C GLY A 183 -15.17 -8.00 5.29
N ALA A 184 -14.52 -9.01 5.85
CA ALA A 184 -13.07 -9.10 5.90
C ALA A 184 -12.63 -10.54 5.80
N VAL A 185 -11.49 -10.72 5.16
CA VAL A 185 -10.82 -12.02 5.07
C VAL A 185 -9.37 -11.84 5.47
N ALA A 186 -8.89 -12.74 6.32
CA ALA A 186 -7.46 -12.84 6.64
C ALA A 186 -6.88 -14.08 5.99
N LEU A 187 -5.72 -13.90 5.38
CA LEU A 187 -5.00 -14.99 4.75
C LEU A 187 -3.65 -15.15 5.41
N LEU A 188 -3.40 -16.34 5.94
CA LEU A 188 -2.10 -16.69 6.46
C LEU A 188 -1.33 -17.36 5.34
N ILE A 189 -0.14 -16.84 5.03
CA ILE A 189 0.63 -17.26 3.87
C ILE A 189 2.00 -17.74 4.33
N GLY A 190 2.44 -18.87 3.82
CA GLY A 190 3.74 -19.40 4.14
C GLY A 190 4.09 -20.58 3.24
N PRO A 191 5.24 -21.19 3.48
CA PRO A 191 5.66 -22.29 2.64
C PRO A 191 4.85 -23.58 2.84
N ASN A 192 4.99 -24.48 1.87
CA ASN A 192 4.42 -25.82 1.92
C ASN A 192 2.94 -25.83 2.27
N ALA A 193 2.22 -24.96 1.58
CA ALA A 193 0.79 -24.71 1.80
C ALA A 193 -0.07 -25.70 1.01
N PRO A 194 -1.33 -25.87 1.42
CA PRO A 194 -2.29 -26.68 0.65
C PRO A 194 -2.89 -26.00 -0.60
N LEU A 195 -2.81 -24.67 -0.68
CA LEU A 195 -3.22 -23.91 -1.85
C LEU A 195 -2.02 -23.08 -2.26
N ILE A 196 -1.38 -23.52 -3.36
CA ILE A 196 -0.07 -23.04 -3.78
C ILE A 196 -0.21 -22.05 -4.94
N PHE A 197 0.41 -20.88 -4.80
CA PHE A 197 0.43 -19.89 -5.87
C PHE A 197 1.22 -20.46 -7.03
N GLU A 198 0.61 -20.48 -8.21
CA GLU A 198 1.25 -21.04 -9.39
C GLU A 198 2.24 -20.02 -9.89
N ARG A 199 3.51 -20.35 -9.75
CA ARG A 199 4.57 -19.37 -9.93
C ARG A 199 4.67 -18.87 -11.35
N GLY A 200 4.91 -17.55 -11.49
CA GLY A 200 5.11 -16.94 -12.81
C GLY A 200 3.82 -16.71 -13.58
N LEU A 201 2.65 -16.92 -12.95
CA LEU A 201 1.37 -16.81 -13.69
C LEU A 201 0.47 -15.68 -13.18
N ARG A 202 1.00 -14.47 -13.15
CA ARG A 202 0.21 -13.29 -12.81
C ARG A 202 -0.07 -12.49 -14.08
N GLY A 203 -1.32 -12.54 -14.56
CA GLY A 203 -1.72 -11.83 -15.77
C GLY A 203 -2.27 -10.50 -15.35
N THR A 204 -1.41 -9.48 -15.32
CA THR A 204 -1.78 -8.19 -14.77
C THR A 204 -2.05 -7.15 -15.84
N HIS A 205 -3.03 -6.29 -15.58
CA HIS A 205 -3.34 -5.17 -16.45
C HIS A 205 -3.75 -3.98 -15.60
N MET A 206 -3.07 -2.85 -15.81
CA MET A 206 -3.45 -1.61 -15.15
C MET A 206 -3.64 -0.50 -16.17
N GLN A 207 -4.54 0.43 -15.87
CA GLN A 207 -4.95 1.46 -16.83
C GLN A 207 -5.59 2.63 -16.10
N HIS A 208 -5.43 3.85 -16.64
CA HIS A 208 -6.01 5.04 -16.06
C HIS A 208 -7.48 5.17 -16.48
N ALA A 209 -8.38 4.89 -15.55
CA ALA A 209 -9.81 4.90 -15.83
C ALA A 209 -10.54 5.64 -14.73
N TYR A 210 -11.64 6.28 -15.10
CA TYR A 210 -12.56 6.88 -14.13
C TYR A 210 -13.91 6.15 -14.11
N ASP A 211 -13.90 4.83 -13.90
CA ASP A 211 -15.12 4.05 -13.84
C ASP A 211 -15.83 4.12 -12.48
N PHE A 212 -15.04 4.11 -11.41
CA PHE A 212 -15.50 4.17 -10.03
C PHE A 212 -14.30 4.78 -9.31
N TYR A 213 -14.55 5.80 -8.51
CA TYR A 213 -13.52 6.50 -7.76
C TYR A 213 -14.17 7.31 -6.62
N LYS A 214 -13.38 7.64 -5.61
CA LYS A 214 -13.87 8.31 -4.40
C LYS A 214 -13.14 9.63 -4.08
N PRO A 215 -13.35 10.67 -4.91
CA PRO A 215 -12.70 11.95 -4.74
C PRO A 215 -13.47 12.88 -3.81
N ASP A 216 -14.74 12.57 -3.55
CA ASP A 216 -15.56 13.43 -2.70
C ASP A 216 -15.27 13.08 -1.25
N MET A 217 -14.52 13.94 -0.58
CA MET A 217 -14.12 13.73 0.78
C MET A 217 -15.24 14.00 1.80
N LEU A 218 -16.26 14.73 1.38
CA LEU A 218 -17.43 15.02 2.22
C LEU A 218 -18.43 13.85 2.34
N SER A 219 -18.28 12.81 1.51
CA SER A 219 -19.21 11.69 1.46
C SER A 219 -18.50 10.35 1.46
N GLU A 220 -19.11 9.35 2.10
CA GLU A 220 -18.57 8.01 2.11
C GLU A 220 -18.76 7.35 0.72
N TYR A 221 -19.65 7.90 -0.07
CA TYR A 221 -20.06 7.25 -1.34
C TYR A 221 -19.13 7.54 -2.53
N PRO A 222 -19.00 6.56 -3.44
CA PRO A 222 -18.18 6.72 -4.63
C PRO A 222 -18.91 7.48 -5.72
N ILE A 223 -18.15 8.06 -6.63
CA ILE A 223 -18.65 8.44 -7.95
C ILE A 223 -18.54 7.17 -8.82
N VAL A 224 -19.67 6.73 -9.36
CA VAL A 224 -19.73 5.51 -10.17
C VAL A 224 -20.29 5.85 -11.52
N ASP A 225 -19.57 5.43 -12.55
CA ASP A 225 -20.05 5.45 -13.93
C ASP A 225 -20.37 3.97 -14.20
N GLY A 226 -21.62 3.57 -13.93
CA GLY A 226 -22.00 2.15 -13.83
C GLY A 226 -21.70 1.33 -15.08
N LYS A 227 -22.09 1.87 -16.23
CA LYS A 227 -21.83 1.24 -17.52
C LYS A 227 -20.34 1.13 -17.76
N LEU A 228 -19.61 2.22 -17.55
CA LEU A 228 -18.14 2.22 -17.72
C LEU A 228 -17.50 1.21 -16.79
N SER A 229 -18.03 1.05 -15.57
CA SER A 229 -17.49 0.10 -14.63
C SER A 229 -17.61 -1.36 -15.13
N ILE A 230 -18.69 -1.69 -15.81
CA ILE A 230 -18.89 -3.04 -16.33
C ILE A 230 -17.94 -3.25 -17.53
N GLN A 231 -17.90 -2.29 -18.44
CA GLN A 231 -16.97 -2.35 -19.56
C GLN A 231 -15.52 -2.48 -19.15
N CYS A 232 -15.11 -1.77 -18.10
CA CYS A 232 -13.72 -1.80 -17.65
C CYS A 232 -13.42 -3.15 -17.04
N TYR A 233 -14.37 -3.71 -16.27
CA TYR A 233 -14.24 -5.04 -15.69
C TYR A 233 -14.00 -6.05 -16.82
N LEU A 234 -14.81 -5.98 -17.86
CA LEU A 234 -14.80 -6.97 -18.94
C LEU A 234 -13.57 -6.85 -19.85
N SER A 235 -13.18 -5.62 -20.16
CA SER A 235 -11.98 -5.41 -20.95
C SER A 235 -10.75 -5.83 -20.16
N ALA A 236 -10.73 -5.53 -18.87
CA ALA A 236 -9.65 -5.98 -18.00
C ALA A 236 -9.59 -7.53 -17.92
N LEU A 237 -10.74 -8.17 -17.79
CA LEU A 237 -10.82 -9.63 -17.82
C LEU A 237 -10.20 -10.19 -19.11
N ASP A 238 -10.60 -9.63 -20.24
CA ASP A 238 -10.08 -10.06 -21.57
C ASP A 238 -8.55 -10.01 -21.60
N ARG A 239 -8.02 -8.88 -21.15
CA ARG A 239 -6.59 -8.64 -21.22
C ARG A 239 -5.82 -9.53 -20.22
N CYS A 240 -6.32 -9.61 -18.99
CA CYS A 240 -5.71 -10.45 -17.96
C CYS A 240 -5.66 -11.92 -18.35
N TYR A 241 -6.74 -12.42 -18.91
CA TYR A 241 -6.82 -13.82 -19.34
C TYR A 241 -5.85 -14.07 -20.50
N SER A 242 -5.74 -13.10 -21.41
CA SER A 242 -4.79 -13.20 -22.50
C SER A 242 -3.35 -13.28 -22.00
N VAL A 243 -2.96 -12.40 -21.08
CA VAL A 243 -1.60 -12.41 -20.52
C VAL A 243 -1.32 -13.71 -19.74
N TYR A 244 -2.30 -14.10 -18.91
CA TYR A 244 -2.25 -15.36 -18.17
C TYR A 244 -2.01 -16.53 -19.11
N CYS A 245 -2.81 -16.63 -20.17
CA CYS A 245 -2.64 -17.70 -21.15
C CYS A 245 -1.29 -17.68 -21.87
N LYS A 246 -0.79 -16.48 -22.18
CA LYS A 246 0.55 -16.34 -22.80
C LYS A 246 1.62 -16.90 -21.85
N LYS A 247 1.54 -16.55 -20.57
CA LYS A 247 2.53 -16.98 -19.59
C LYS A 247 2.49 -18.49 -19.37
N ILE A 248 1.31 -19.07 -19.28
CA ILE A 248 1.22 -20.50 -19.03
C ILE A 248 1.62 -21.32 -20.26
N HIS A 249 1.34 -20.79 -21.45
CA HIS A 249 1.77 -21.42 -22.70
C HIS A 249 3.31 -21.54 -22.76
N ALA A 250 4.00 -20.46 -22.44
CA ALA A 250 5.44 -20.47 -22.42
C ALA A 250 5.92 -21.49 -21.37
N GLN A 251 5.30 -21.51 -20.19
CA GLN A 251 5.66 -22.48 -19.19
C GLN A 251 5.47 -23.90 -19.64
N TRP A 252 4.29 -24.22 -20.15
CA TRP A 252 4.03 -25.56 -20.67
C TRP A 252 5.00 -25.94 -21.80
N GLN A 253 5.30 -25.00 -22.68
CA GLN A 253 6.18 -25.30 -23.80
C GLN A 253 7.61 -25.65 -23.37
N LYS A 254 8.12 -25.00 -22.33
CA LYS A 254 9.41 -25.34 -21.73
C LYS A 254 9.38 -26.74 -21.13
N GLU A 255 8.20 -27.19 -20.74
CA GLU A 255 8.00 -28.55 -20.19
C GLU A 255 7.71 -29.60 -21.27
N GLY A 256 7.49 -29.19 -22.51
CA GLY A 256 7.15 -30.11 -23.60
C GLY A 256 5.69 -30.20 -24.02
N ASN A 257 4.85 -29.33 -23.47
CA ASN A 257 3.40 -29.36 -23.69
C ASN A 257 2.93 -28.16 -24.56
N ASP A 258 2.44 -28.44 -25.77
CA ASP A 258 2.09 -27.39 -26.75
C ASP A 258 0.60 -27.03 -26.81
N LYS A 259 -0.19 -27.53 -25.87
CA LYS A 259 -1.64 -27.29 -25.90
C LYS A 259 -2.01 -25.84 -25.52
N ASP A 260 -3.15 -25.37 -26.02
CA ASP A 260 -3.68 -24.07 -25.65
C ASP A 260 -4.40 -24.20 -24.31
N PHE A 261 -4.30 -23.16 -23.49
CA PHE A 261 -5.06 -23.13 -22.27
C PHE A 261 -6.51 -22.82 -22.62
N THR A 262 -7.46 -23.52 -22.00
CA THR A 262 -8.88 -23.18 -22.08
C THR A 262 -9.50 -23.23 -20.69
N LEU A 263 -10.76 -22.83 -20.56
CA LEU A 263 -11.49 -22.92 -19.28
C LEU A 263 -11.49 -24.33 -18.67
N ASN A 264 -11.39 -25.35 -19.50
CA ASN A 264 -11.33 -26.70 -18.96
C ASN A 264 -10.04 -27.03 -18.20
N ASP A 265 -9.03 -26.16 -18.32
CA ASP A 265 -7.81 -26.28 -17.54
C ASP A 265 -7.94 -25.65 -16.14
N PHE A 266 -9.06 -24.97 -15.88
CA PHE A 266 -9.39 -24.53 -14.51
C PHE A 266 -10.35 -25.54 -13.87
N GLY A 267 -10.04 -26.06 -12.69
CA GLY A 267 -11.03 -26.88 -12.00
C GLY A 267 -12.09 -26.00 -11.37
N PHE A 268 -11.67 -24.85 -10.85
CA PHE A 268 -12.55 -23.82 -10.37
C PHE A 268 -12.09 -22.44 -10.89
N MET A 269 -13.05 -21.55 -11.05
CA MET A 269 -12.77 -20.19 -11.53
C MET A 269 -13.55 -19.18 -10.74
N ILE A 270 -12.81 -18.37 -9.97
CA ILE A 270 -13.41 -17.40 -9.06
C ILE A 270 -13.03 -15.97 -9.41
N PHE A 271 -13.90 -15.05 -8.98
CA PHE A 271 -13.96 -13.69 -9.51
C PHE A 271 -14.23 -12.71 -8.38
N HIS A 272 -13.67 -11.53 -8.48
CA HIS A 272 -14.24 -10.41 -7.75
C HIS A 272 -15.72 -10.36 -8.13
N SER A 273 -16.59 -10.27 -7.13
CA SER A 273 -18.02 -10.33 -7.36
C SER A 273 -18.78 -9.11 -6.85
N PRO A 274 -18.93 -8.11 -7.71
CA PRO A 274 -19.74 -6.94 -7.38
C PRO A 274 -21.21 -7.33 -7.14
N TYR A 275 -21.65 -8.32 -7.91
CA TYR A 275 -22.96 -8.96 -7.81
C TYR A 275 -22.88 -10.19 -8.72
N CYS A 276 -23.68 -11.21 -8.43
CA CYS A 276 -23.57 -12.53 -9.03
C CYS A 276 -23.75 -12.56 -10.54
N LYS A 277 -24.70 -11.76 -11.05
CA LYS A 277 -24.98 -11.69 -12.49
C LYS A 277 -23.74 -11.36 -13.30
N LEU A 278 -22.98 -10.36 -12.87
CA LEU A 278 -21.75 -10.00 -13.59
C LEU A 278 -20.75 -11.16 -13.58
N VAL A 279 -20.66 -11.91 -12.48
CA VAL A 279 -19.79 -13.09 -12.46
C VAL A 279 -20.25 -14.15 -13.48
N GLN A 280 -21.55 -14.39 -13.62
CA GLN A 280 -22.08 -15.30 -14.64
C GLN A 280 -21.73 -14.81 -16.05
N LYS A 281 -21.87 -13.52 -16.29
CA LYS A 281 -21.49 -12.90 -17.57
C LYS A 281 -19.99 -13.06 -17.82
N SER A 282 -19.22 -12.97 -16.74
CA SER A 282 -17.77 -12.99 -16.85
C SER A 282 -17.25 -14.37 -17.24
N LEU A 283 -17.82 -15.43 -16.67
CA LEU A 283 -17.45 -16.78 -17.11
C LEU A 283 -17.80 -16.96 -18.60
N ALA A 284 -18.97 -16.47 -18.99
CA ALA A 284 -19.40 -16.51 -20.40
C ALA A 284 -18.42 -15.74 -21.29
N ARG A 285 -17.94 -14.61 -20.77
CA ARG A 285 -16.94 -13.79 -21.47
C ARG A 285 -15.63 -14.58 -21.67
N MET A 286 -15.21 -15.33 -20.65
CA MET A 286 -14.03 -16.18 -20.77
C MET A 286 -14.20 -17.29 -21.85
N LEU A 287 -15.38 -17.91 -21.93
CA LEU A 287 -15.68 -18.89 -22.99
C LEU A 287 -15.68 -18.25 -24.38
N LEU A 288 -16.13 -17.00 -24.46
CA LEU A 288 -16.08 -16.27 -25.74
C LEU A 288 -14.62 -16.08 -26.16
N ASN A 289 -13.76 -15.71 -25.22
CA ASN A 289 -12.30 -15.69 -25.48
C ASN A 289 -11.78 -17.04 -25.98
N ASP A 290 -12.17 -18.13 -25.33
CA ASP A 290 -11.73 -19.47 -25.73
C ASP A 290 -12.17 -19.76 -27.17
N PHE A 291 -13.44 -19.45 -27.42
CA PHE A 291 -14.07 -19.59 -28.71
C PHE A 291 -13.30 -18.86 -29.81
N LEU A 292 -13.01 -17.57 -29.60
CA LEU A 292 -12.31 -16.78 -30.61
C LEU A 292 -10.86 -17.22 -30.78
N ASN A 293 -10.24 -17.65 -29.69
CA ASN A 293 -8.87 -18.15 -29.77
C ASN A 293 -8.70 -19.50 -30.46
N ASP A 294 -9.77 -20.31 -30.46
CA ASP A 294 -9.76 -21.67 -31.03
C ASP A 294 -9.91 -21.65 -32.55
N GLN A 295 -8.89 -22.10 -33.28
CA GLN A 295 -8.97 -22.13 -34.76
C GLN A 295 -9.87 -23.23 -35.32
N ASN A 296 -10.22 -24.21 -34.50
CA ASN A 296 -11.15 -25.28 -34.89
C ASN A 296 -12.45 -25.19 -34.12
N ARG A 297 -13.01 -23.98 -34.02
CA ARG A 297 -14.23 -23.72 -33.24
C ARG A 297 -15.32 -24.65 -33.72
N ASP A 298 -15.51 -24.63 -35.04
CA ASP A 298 -16.63 -25.29 -35.71
C ASP A 298 -16.62 -26.82 -35.63
N LYS A 299 -15.53 -27.40 -35.09
CA LYS A 299 -15.43 -28.85 -34.92
C LYS A 299 -15.54 -29.29 -33.45
N ASN A 300 -15.55 -28.34 -32.51
CA ASN A 300 -15.57 -28.64 -31.07
C ASN A 300 -16.97 -28.45 -30.46
N SER A 301 -17.50 -29.47 -29.79
CA SER A 301 -18.92 -29.56 -29.46
C SER A 301 -19.41 -28.57 -28.39
N ILE A 302 -18.50 -27.98 -27.64
CA ILE A 302 -18.88 -26.90 -26.71
C ILE A 302 -19.32 -25.66 -27.49
N TYR A 303 -18.72 -25.44 -28.67
CA TYR A 303 -19.05 -24.24 -29.45
C TYR A 303 -20.17 -24.47 -30.45
N SER A 304 -20.81 -25.65 -30.42
CA SER A 304 -21.89 -25.95 -31.37
C SER A 304 -23.02 -24.91 -31.27
N GLY A 305 -23.40 -24.35 -32.41
CA GLY A 305 -24.49 -23.36 -32.47
C GLY A 305 -24.03 -21.92 -32.35
N LEU A 306 -22.73 -21.72 -32.20
CA LEU A 306 -22.17 -20.37 -32.04
C LEU A 306 -21.46 -19.86 -33.30
N GLU A 307 -21.65 -20.54 -34.43
CA GLU A 307 -20.96 -20.21 -35.69
C GLU A 307 -21.22 -18.79 -36.17
N ALA A 308 -22.41 -18.27 -35.89
CA ALA A 308 -22.77 -16.89 -36.24
C ALA A 308 -21.87 -15.84 -35.59
N PHE A 309 -21.21 -16.18 -34.50
CA PHE A 309 -20.34 -15.21 -33.79
C PHE A 309 -18.86 -15.42 -34.08
N GLY A 310 -18.54 -16.28 -35.05
CA GLY A 310 -17.14 -16.60 -35.37
C GLY A 310 -16.26 -15.41 -35.69
N ASP A 311 -16.84 -14.36 -36.26
CA ASP A 311 -16.07 -13.20 -36.71
C ASP A 311 -16.13 -11.96 -35.80
N VAL A 312 -16.76 -12.06 -34.62
CA VAL A 312 -16.92 -10.89 -33.73
C VAL A 312 -15.61 -10.54 -33.06
N LYS A 313 -15.49 -9.27 -32.67
CA LYS A 313 -14.33 -8.79 -31.95
C LYS A 313 -14.71 -8.50 -30.50
N LEU A 314 -13.80 -8.83 -29.58
CA LEU A 314 -14.01 -8.62 -28.14
C LEU A 314 -14.42 -7.18 -27.82
N GLU A 315 -13.72 -6.21 -28.41
CA GLU A 315 -13.95 -4.79 -28.10
C GLU A 315 -15.30 -4.24 -28.62
N ASP A 316 -15.96 -5.00 -29.50
CA ASP A 316 -17.25 -4.63 -30.05
C ASP A 316 -18.43 -5.30 -29.35
N THR A 317 -18.16 -6.15 -28.35
CA THR A 317 -19.21 -7.03 -27.78
C THR A 317 -19.46 -6.88 -26.30
N TYR A 318 -18.96 -5.80 -25.69
CA TYR A 318 -19.08 -5.61 -24.23
C TYR A 318 -20.55 -5.60 -23.77
N PHE A 319 -21.44 -5.08 -24.61
CA PHE A 319 -22.87 -5.02 -24.28
C PHE A 319 -23.73 -5.62 -25.39
N ASP A 320 -23.16 -6.52 -26.18
CA ASP A 320 -23.90 -7.20 -27.25
C ASP A 320 -24.69 -8.31 -26.59
N ARG A 321 -26.01 -8.16 -26.59
CA ARG A 321 -26.91 -9.08 -25.86
C ARG A 321 -27.07 -10.43 -26.54
N ASP A 322 -26.92 -10.47 -27.86
CA ASP A 322 -26.98 -11.73 -28.60
C ASP A 322 -25.79 -12.62 -28.26
N VAL A 323 -24.60 -12.01 -28.25
CA VAL A 323 -23.37 -12.70 -27.87
C VAL A 323 -23.50 -13.17 -26.42
N GLU A 324 -23.95 -12.26 -25.56
CA GLU A 324 -24.13 -12.55 -24.15
C GLU A 324 -25.07 -13.74 -23.91
N LYS A 325 -26.27 -13.69 -24.49
CA LYS A 325 -27.27 -14.74 -24.34
C LYS A 325 -26.70 -16.08 -24.78
N ALA A 326 -26.09 -16.10 -25.96
CA ALA A 326 -25.53 -17.32 -26.54
C ALA A 326 -24.44 -17.94 -25.68
N PHE A 327 -23.51 -17.11 -25.19
CA PHE A 327 -22.36 -17.62 -24.42
C PHE A 327 -22.69 -17.89 -22.95
N MET A 328 -23.72 -17.23 -22.44
CA MET A 328 -24.26 -17.58 -21.12
C MET A 328 -24.89 -18.96 -21.15
N LYS A 329 -25.66 -19.22 -22.20
CA LYS A 329 -26.27 -20.54 -22.38
C LYS A 329 -25.18 -21.59 -22.55
N ALA A 330 -24.24 -21.32 -23.46
CA ALA A 330 -23.16 -22.27 -23.78
C ALA A 330 -22.27 -22.55 -22.60
N SER A 331 -22.10 -21.59 -21.70
CA SER A 331 -21.22 -21.78 -20.53
C SER A 331 -21.95 -22.19 -19.25
N SER A 332 -23.23 -22.51 -19.34
CA SER A 332 -24.04 -22.79 -18.14
C SER A 332 -23.48 -23.98 -17.33
N GLU A 333 -23.05 -25.04 -18.00
CA GLU A 333 -22.52 -26.21 -17.30
C GLU A 333 -21.16 -25.89 -16.67
N LEU A 334 -20.31 -25.15 -17.39
CA LEU A 334 -19.02 -24.71 -16.88
C LEU A 334 -19.22 -23.83 -15.65
N PHE A 335 -20.20 -22.94 -15.72
CA PHE A 335 -20.54 -22.08 -14.60
C PHE A 335 -20.92 -22.90 -13.38
N SER A 336 -21.86 -23.82 -13.55
CA SER A 336 -22.25 -24.68 -12.47
C SER A 336 -21.07 -25.45 -11.82
N GLN A 337 -20.20 -26.02 -12.65
CA GLN A 337 -19.07 -26.81 -12.15
C GLN A 337 -17.97 -25.98 -11.50
N LYS A 338 -17.65 -24.83 -12.10
CA LYS A 338 -16.43 -24.12 -11.74
C LYS A 338 -16.66 -22.86 -10.88
N THR A 339 -17.85 -22.26 -10.97
CA THR A 339 -18.05 -20.91 -10.44
C THR A 339 -19.26 -20.69 -9.55
N LYS A 340 -20.34 -21.42 -9.77
CA LYS A 340 -21.59 -21.16 -9.06
C LYS A 340 -21.44 -21.27 -7.54
N ALA A 341 -20.79 -22.34 -7.08
CA ALA A 341 -20.59 -22.54 -5.64
C ALA A 341 -19.78 -21.42 -4.98
N SER A 342 -18.77 -20.92 -5.70
CA SER A 342 -17.96 -19.78 -5.25
C SER A 342 -18.75 -18.52 -4.90
N LEU A 343 -19.98 -18.40 -5.38
CA LEU A 343 -20.78 -17.21 -5.13
C LEU A 343 -21.67 -17.22 -3.88
N LEU A 344 -21.58 -18.25 -3.06
CA LEU A 344 -22.31 -18.31 -1.79
C LEU A 344 -22.19 -17.01 -0.98
N VAL A 345 -20.96 -16.56 -0.69
CA VAL A 345 -20.79 -15.37 0.17
C VAL A 345 -21.34 -14.12 -0.52
N SER A 346 -21.02 -13.97 -1.80
CA SER A 346 -21.53 -12.83 -2.59
C SER A 346 -23.07 -12.80 -2.56
N ASN A 347 -23.70 -13.94 -2.86
CA ASN A 347 -25.15 -14.03 -2.91
C ASN A 347 -25.79 -13.75 -1.57
N GLN A 348 -25.17 -14.23 -0.50
CA GLN A 348 -25.75 -14.12 0.84
C GLN A 348 -25.30 -12.90 1.64
N ASN A 349 -24.29 -12.19 1.15
CA ASN A 349 -23.75 -11.03 1.89
C ASN A 349 -23.47 -9.77 1.05
N GLY A 350 -23.41 -9.91 -0.27
CA GLY A 350 -23.07 -8.80 -1.16
C GLY A 350 -21.58 -8.60 -1.41
N ASN A 351 -21.27 -7.40 -1.88
CA ASN A 351 -19.94 -7.03 -2.32
C ASN A 351 -19.08 -6.58 -1.13
N MET A 352 -18.01 -7.34 -0.88
CA MET A 352 -17.10 -7.02 0.23
C MET A 352 -15.84 -6.29 -0.25
N TYR A 353 -15.92 -5.72 -1.45
CA TYR A 353 -14.84 -4.97 -2.08
C TYR A 353 -13.52 -5.78 -2.12
N THR A 354 -12.47 -5.34 -1.42
CA THR A 354 -11.16 -6.04 -1.50
C THR A 354 -11.24 -7.49 -1.10
N SER A 355 -12.12 -7.86 -0.18
CA SER A 355 -12.21 -9.27 0.26
C SER A 355 -13.19 -10.12 -0.56
N SER A 356 -13.90 -9.52 -1.53
CA SER A 356 -14.95 -10.23 -2.29
C SER A 356 -14.42 -11.50 -2.93
N VAL A 357 -13.33 -11.40 -3.69
CA VAL A 357 -12.78 -12.58 -4.36
C VAL A 357 -12.26 -13.63 -3.37
N TYR A 358 -11.79 -13.19 -2.20
CA TYR A 358 -11.35 -14.14 -1.15
C TYR A 358 -12.54 -14.77 -0.43
N GLY A 359 -13.67 -14.07 -0.40
CA GLY A 359 -14.93 -14.67 -0.01
C GLY A 359 -15.41 -15.76 -0.95
N SER A 360 -15.17 -15.55 -2.24
CA SER A 360 -15.46 -16.58 -3.25
C SER A 360 -14.51 -17.78 -3.09
N LEU A 361 -13.24 -17.53 -2.80
CA LEU A 361 -12.32 -18.63 -2.44
C LEU A 361 -12.84 -19.40 -1.21
N ALA A 362 -13.25 -18.69 -0.19
CA ALA A 362 -13.78 -19.30 1.04
C ALA A 362 -14.97 -20.19 0.74
N SER A 363 -15.83 -19.70 -0.14
CA SER A 363 -17.04 -20.41 -0.56
C SER A 363 -16.74 -21.75 -1.25
N VAL A 364 -15.71 -21.79 -2.10
CA VAL A 364 -15.24 -23.03 -2.72
C VAL A 364 -14.72 -24.00 -1.65
N LEU A 365 -13.89 -23.50 -0.74
CA LEU A 365 -13.33 -24.33 0.33
C LEU A 365 -14.42 -24.87 1.27
N ALA A 366 -15.50 -24.11 1.43
CA ALA A 366 -16.63 -24.45 2.33
C ALA A 366 -17.50 -25.59 1.84
N GLN A 367 -17.52 -25.81 0.52
CA GLN A 367 -18.52 -26.66 -0.11
C GLN A 367 -17.97 -27.85 -0.86
N TYR A 368 -16.66 -27.97 -0.96
CA TYR A 368 -16.01 -29.10 -1.63
C TYR A 368 -15.08 -29.86 -0.67
N SER A 369 -15.10 -31.18 -0.71
CA SER A 369 -14.23 -32.03 0.11
C SER A 369 -12.78 -31.95 -0.36
N PRO A 370 -11.83 -32.30 0.51
CA PRO A 370 -10.43 -32.40 0.05
C PRO A 370 -10.26 -33.24 -1.23
N GLN A 371 -10.98 -34.35 -1.32
CA GLN A 371 -10.88 -35.21 -2.49
C GLN A 371 -11.34 -34.50 -3.76
N GLN A 372 -12.40 -33.69 -3.67
CA GLN A 372 -12.89 -32.92 -4.81
C GLN A 372 -12.01 -31.76 -5.22
N LEU A 373 -11.17 -31.29 -4.30
CA LEU A 373 -10.25 -30.17 -4.59
C LEU A 373 -8.85 -30.62 -5.02
N ALA A 374 -8.44 -31.80 -4.58
CA ALA A 374 -7.07 -32.27 -4.67
C ALA A 374 -6.52 -32.12 -6.08
N GLY A 375 -5.41 -31.40 -6.22
CA GLY A 375 -4.71 -31.35 -7.49
C GLY A 375 -5.30 -30.35 -8.47
N LYS A 376 -6.41 -29.70 -8.10
CA LYS A 376 -7.10 -28.84 -9.06
C LYS A 376 -6.49 -27.45 -9.15
N ARG A 377 -6.67 -26.82 -10.31
CA ARG A 377 -6.27 -25.43 -10.50
C ARG A 377 -7.46 -24.53 -10.18
N ILE A 378 -7.24 -23.55 -9.34
CA ILE A 378 -8.24 -22.55 -9.07
C ILE A 378 -7.80 -21.26 -9.73
N GLY A 379 -8.55 -20.82 -10.74
CA GLY A 379 -8.28 -19.51 -11.38
C GLY A 379 -8.88 -18.40 -10.54
N VAL A 380 -8.15 -17.28 -10.46
CA VAL A 380 -8.55 -16.16 -9.60
C VAL A 380 -8.48 -14.85 -10.38
N PHE A 381 -9.65 -14.25 -10.67
CA PHE A 381 -9.69 -12.91 -11.28
C PHE A 381 -10.01 -11.83 -10.24
N SER A 382 -9.02 -10.99 -9.96
CA SER A 382 -9.15 -9.88 -9.02
C SER A 382 -9.13 -8.55 -9.78
N TYR A 383 -10.14 -7.71 -9.51
CA TYR A 383 -10.33 -6.43 -10.18
C TYR A 383 -10.52 -5.34 -9.15
N GLY A 384 -9.95 -4.17 -9.44
CA GLY A 384 -10.26 -2.93 -8.73
C GLY A 384 -10.39 -1.81 -9.75
N SER A 385 -11.47 -1.03 -9.64
CA SER A 385 -11.71 0.09 -10.51
C SER A 385 -10.58 1.12 -10.45
N GLY A 386 -10.44 1.88 -11.52
CA GLY A 386 -9.43 2.91 -11.57
C GLY A 386 -8.30 2.86 -12.61
N LEU A 387 -7.83 1.70 -13.11
CA LEU A 387 -8.16 0.34 -12.66
C LEU A 387 -6.86 -0.48 -12.56
N ALA A 388 -6.92 -1.54 -11.75
CA ALA A 388 -5.85 -2.51 -11.57
C ALA A 388 -6.49 -3.89 -11.51
N ALA A 389 -5.96 -4.83 -12.29
CA ALA A 389 -6.47 -6.21 -12.32
C ALA A 389 -5.37 -7.25 -12.55
N THR A 390 -5.57 -8.45 -12.01
CA THR A 390 -4.72 -9.60 -12.22
C THR A 390 -5.57 -10.86 -12.25
N LEU A 391 -5.34 -11.70 -13.25
CA LEU A 391 -5.81 -13.07 -13.22
C LEU A 391 -4.61 -13.93 -12.86
N TYR A 392 -4.72 -14.69 -11.78
CA TYR A 392 -3.67 -15.60 -11.34
C TYR A 392 -4.27 -16.95 -11.02
N SER A 393 -3.46 -17.91 -10.60
CA SER A 393 -4.05 -19.19 -10.22
C SER A 393 -3.37 -19.80 -8.98
N LEU A 394 -4.14 -20.65 -8.33
CA LEU A 394 -3.69 -21.50 -7.23
C LEU A 394 -3.75 -22.96 -7.67
N LYS A 395 -2.85 -23.77 -7.13
CA LYS A 395 -2.88 -25.22 -7.33
C LYS A 395 -3.10 -25.87 -5.97
N VAL A 396 -4.11 -26.71 -5.85
CA VAL A 396 -4.39 -27.41 -4.60
C VAL A 396 -3.48 -28.62 -4.53
N THR A 397 -2.91 -28.85 -3.34
CA THR A 397 -2.14 -30.06 -3.07
C THR A 397 -2.89 -31.34 -3.50
N GLN A 398 -2.14 -32.37 -3.85
CA GLN A 398 -2.71 -33.69 -4.12
C GLN A 398 -3.02 -34.46 -2.84
N ASP A 399 -2.55 -33.95 -1.70
CA ASP A 399 -2.73 -34.67 -0.42
C ASP A 399 -4.09 -34.31 0.17
N ALA A 400 -5.06 -35.21 0.00
CA ALA A 400 -6.39 -35.01 0.53
C ALA A 400 -6.67 -35.96 1.70
N THR A 401 -5.61 -36.50 2.32
CA THR A 401 -5.78 -37.59 3.28
C THR A 401 -6.36 -37.04 4.59
N PRO A 402 -6.97 -37.92 5.42
CA PRO A 402 -7.45 -37.53 6.74
C PRO A 402 -6.34 -36.90 7.58
N GLY A 403 -6.64 -35.78 8.22
CA GLY A 403 -5.70 -35.04 9.02
C GLY A 403 -4.71 -34.18 8.25
N SER A 404 -4.85 -34.14 6.92
CA SER A 404 -4.00 -33.30 6.08
C SER A 404 -4.30 -31.82 6.23
N ALA A 405 -3.37 -30.99 5.80
CA ALA A 405 -3.58 -29.56 5.74
C ALA A 405 -4.80 -29.19 4.87
N LEU A 406 -5.06 -29.97 3.82
CA LEU A 406 -6.24 -29.70 2.99
C LEU A 406 -7.53 -30.04 3.76
N ASP A 407 -7.51 -31.15 4.48
CA ASP A 407 -8.59 -31.49 5.46
C ASP A 407 -8.80 -30.31 6.45
N LYS A 408 -7.71 -29.84 7.02
CA LYS A 408 -7.75 -28.74 8.00
C LYS A 408 -8.38 -27.43 7.46
N ILE A 409 -7.99 -26.99 6.28
CA ILE A 409 -8.43 -25.68 5.78
C ILE A 409 -9.89 -25.73 5.32
N THR A 410 -10.30 -26.84 4.74
CA THR A 410 -11.70 -27.01 4.39
C THR A 410 -12.60 -27.13 5.62
N ALA A 411 -12.14 -27.87 6.62
CA ALA A 411 -12.86 -28.00 7.87
C ALA A 411 -13.07 -26.66 8.57
N SER A 412 -12.16 -25.69 8.36
CA SER A 412 -12.25 -24.35 8.98
C SER A 412 -13.34 -23.47 8.37
N LEU A 413 -13.93 -23.94 7.26
CA LEU A 413 -14.92 -23.18 6.52
C LEU A 413 -16.21 -23.96 6.18
N CYS A 414 -16.29 -25.23 6.58
CA CYS A 414 -17.44 -26.02 6.15
C CYS A 414 -18.74 -25.60 6.87
N ASP A 415 -18.63 -24.86 7.99
CA ASP A 415 -19.79 -24.20 8.63
C ASP A 415 -20.16 -22.82 8.07
N LEU A 416 -19.57 -22.42 6.95
CA LEU A 416 -19.82 -21.10 6.38
C LEU A 416 -21.29 -20.78 6.10
N LYS A 417 -22.02 -21.74 5.50
CA LYS A 417 -23.43 -21.51 5.21
C LYS A 417 -24.26 -21.38 6.48
N SER A 418 -23.98 -22.22 7.47
CA SER A 418 -24.68 -22.12 8.73
C SER A 418 -24.36 -20.82 9.49
N ARG A 419 -23.11 -20.35 9.41
CA ARG A 419 -22.75 -19.04 9.96
C ARG A 419 -23.55 -17.92 9.30
N LEU A 420 -23.62 -17.94 7.96
CA LEU A 420 -24.44 -16.97 7.21
C LEU A 420 -25.90 -17.03 7.61
N ASP A 421 -26.44 -18.22 7.74
CA ASP A 421 -27.85 -18.39 8.13
C ASP A 421 -28.18 -18.01 9.58
N SER A 422 -27.16 -17.98 10.43
CA SER A 422 -27.33 -17.54 11.82
C SER A 422 -27.50 -16.02 12.02
N ARG A 423 -27.30 -15.24 10.98
CA ARG A 423 -27.47 -13.79 11.05
C ARG A 423 -28.94 -13.45 11.14
N THR A 424 -29.24 -12.21 11.53
CA THR A 424 -30.61 -11.70 11.67
C THR A 424 -30.95 -10.80 10.50
N GLY A 425 -32.08 -11.04 9.85
CA GLY A 425 -32.60 -10.13 8.84
C GLY A 425 -33.20 -8.89 9.50
N VAL A 426 -32.92 -7.71 8.95
CA VAL A 426 -33.47 -6.46 9.43
C VAL A 426 -34.35 -5.84 8.35
N ALA A 427 -35.50 -5.27 8.72
CA ALA A 427 -36.43 -4.71 7.71
C ALA A 427 -35.77 -3.56 6.93
N PRO A 428 -36.11 -3.43 5.63
CA PRO A 428 -35.59 -2.36 4.77
C PRO A 428 -35.68 -0.93 5.33
N ASP A 429 -36.79 -0.55 5.96
CA ASP A 429 -36.90 0.79 6.55
C ASP A 429 -35.87 1.02 7.69
N VAL A 430 -35.65 0.01 8.52
CA VAL A 430 -34.62 0.05 9.56
C VAL A 430 -33.22 0.16 8.92
N PHE A 431 -32.95 -0.67 7.92
CA PHE A 431 -31.72 -0.59 7.12
C PHE A 431 -31.53 0.81 6.53
N ALA A 432 -32.58 1.35 5.93
CA ALA A 432 -32.51 2.69 5.32
C ALA A 432 -32.11 3.76 6.32
N GLU A 433 -32.64 3.67 7.53
CA GLU A 433 -32.39 4.65 8.59
C GLU A 433 -30.98 4.53 9.15
N ASN A 434 -30.52 3.29 9.28
CA ASN A 434 -29.12 3.01 9.54
C ASN A 434 -28.18 3.73 8.56
N MET A 435 -28.46 3.59 7.26
CA MET A 435 -27.67 4.26 6.21
C MET A 435 -27.70 5.79 6.34
N LYS A 436 -28.88 6.33 6.57
CA LYS A 436 -29.07 7.78 6.73
C LYS A 436 -28.27 8.31 7.91
N LEU A 437 -28.33 7.61 9.02
CA LEU A 437 -27.62 8.01 10.23
C LEU A 437 -26.10 7.88 10.04
N ARG A 438 -25.70 6.88 9.27
CA ARG A 438 -24.29 6.70 8.92
C ARG A 438 -23.72 7.92 8.17
N GLU A 439 -24.40 8.35 7.10
CA GLU A 439 -24.11 9.62 6.42
C GLU A 439 -23.95 10.78 7.41
N ASP A 440 -24.91 10.90 8.33
CA ASP A 440 -24.95 12.02 9.26
C ASP A 440 -23.83 11.94 10.30
N THR A 441 -23.46 10.72 10.69
CA THR A 441 -22.37 10.50 11.66
C THR A 441 -20.97 10.44 11.01
N HIS A 442 -20.89 10.59 9.68
CA HIS A 442 -19.64 10.33 8.92
C HIS A 442 -18.41 11.18 9.36
N HIS A 443 -18.64 12.46 9.62
CA HIS A 443 -17.56 13.38 10.01
C HIS A 443 -17.53 13.66 11.52
N LEU A 444 -18.43 13.02 12.27
CA LEU A 444 -18.67 13.35 13.67
C LEU A 444 -17.53 12.94 14.60
N VAL A 445 -17.19 13.81 15.54
CA VAL A 445 -16.23 13.51 16.59
C VAL A 445 -16.96 13.61 17.91
N ASN A 446 -16.30 13.15 18.97
CA ASN A 446 -16.87 13.21 20.30
C ASN A 446 -18.22 12.49 20.34
N TYR A 447 -18.24 11.26 19.84
CA TYR A 447 -19.44 10.42 19.90
C TYR A 447 -19.18 8.98 20.36
N ILE A 448 -20.25 8.41 20.91
CA ILE A 448 -20.25 7.09 21.49
C ILE A 448 -21.33 6.28 20.76
N PRO A 449 -20.91 5.26 19.98
CA PRO A 449 -21.86 4.41 19.27
C PRO A 449 -22.99 3.93 20.17
N GLN A 450 -24.18 3.80 19.59
CA GLN A 450 -25.35 3.33 20.35
C GLN A 450 -25.80 1.92 19.92
N GLY A 451 -25.22 1.37 18.87
CA GLY A 451 -25.56 0.02 18.43
C GLY A 451 -25.35 -1.03 19.51
N SER A 452 -26.01 -2.16 19.35
CA SER A 452 -25.91 -3.25 20.32
C SER A 452 -24.52 -3.91 20.28
N ILE A 453 -23.97 -4.12 21.47
CA ILE A 453 -22.76 -4.95 21.63
C ILE A 453 -23.19 -6.43 21.67
N ASP A 454 -24.27 -6.74 22.37
CA ASP A 454 -24.71 -8.13 22.55
C ASP A 454 -25.06 -8.85 21.20
N SER A 455 -25.52 -8.10 20.19
CA SER A 455 -25.89 -8.69 18.91
C SER A 455 -24.68 -9.05 18.03
N LEU A 456 -23.49 -8.54 18.39
CA LEU A 456 -22.29 -8.89 17.63
C LEU A 456 -21.99 -10.36 17.82
N PHE A 457 -21.41 -11.00 16.81
CA PHE A 457 -20.91 -12.35 16.96
C PHE A 457 -19.82 -12.41 18.03
N GLU A 458 -19.72 -13.56 18.69
CA GLU A 458 -18.71 -13.80 19.69
C GLU A 458 -17.31 -13.46 19.19
N GLY A 459 -16.54 -12.75 20.01
CA GLY A 459 -15.17 -12.41 19.71
C GLY A 459 -15.00 -11.18 18.79
N THR A 460 -16.07 -10.42 18.56
CA THR A 460 -16.00 -9.29 17.61
C THR A 460 -15.48 -8.02 18.29
N TRP A 461 -14.46 -7.41 17.71
CA TRP A 461 -14.01 -6.09 18.18
C TRP A 461 -15.01 -5.00 17.74
N TYR A 462 -15.20 -4.00 18.59
CA TYR A 462 -16.14 -2.95 18.31
C TYR A 462 -15.62 -1.58 18.73
N LEU A 463 -16.18 -0.54 18.12
CA LEU A 463 -15.89 0.85 18.45
C LEU A 463 -16.57 1.28 19.76
N VAL A 464 -15.74 1.74 20.70
CA VAL A 464 -16.17 2.18 22.00
C VAL A 464 -16.56 3.68 21.99
N ARG A 465 -15.70 4.49 21.38
CA ARG A 465 -15.85 5.94 21.37
C ARG A 465 -14.90 6.57 20.33
N VAL A 466 -15.34 7.69 19.76
CA VAL A 466 -14.46 8.60 19.01
C VAL A 466 -14.35 9.88 19.81
N ASP A 467 -13.15 10.23 20.27
CA ASP A 467 -13.06 11.35 21.18
C ASP A 467 -13.02 12.68 20.44
N GLU A 468 -12.88 13.73 21.20
CA GLU A 468 -12.88 15.09 20.67
C GLU A 468 -11.71 15.38 19.70
N LYS A 469 -10.67 14.54 19.75
CA LYS A 469 -9.51 14.64 18.88
C LYS A 469 -9.49 13.55 17.81
N HIS A 470 -10.67 13.02 17.48
CA HIS A 470 -10.84 11.95 16.49
C HIS A 470 -10.17 10.63 16.81
N ARG A 471 -9.76 10.42 18.06
CA ARG A 471 -9.09 9.18 18.38
C ARG A 471 -10.14 8.15 18.73
N ARG A 472 -9.99 6.96 18.17
CA ARG A 472 -10.92 5.85 18.31
C ARG A 472 -10.38 4.79 19.25
N THR A 473 -11.26 4.29 20.11
CA THR A 473 -10.94 3.26 21.10
C THR A 473 -11.86 2.06 20.81
N TYR A 474 -11.33 0.85 21.05
CA TYR A 474 -11.96 -0.41 20.69
C TYR A 474 -11.95 -1.37 21.88
N ALA A 475 -12.93 -2.26 21.91
CA ALA A 475 -12.99 -3.33 22.90
C ALA A 475 -13.53 -4.57 22.20
N ARG A 476 -13.38 -5.73 22.82
CA ARG A 476 -13.78 -6.98 22.19
C ARG A 476 -15.00 -7.58 22.89
N ARG A 477 -16.00 -7.95 22.11
CA ARG A 477 -17.20 -8.58 22.65
C ARG A 477 -16.86 -10.04 22.97
N PRO A 478 -17.07 -10.47 24.21
CA PRO A 478 -16.65 -11.83 24.54
C PRO A 478 -17.27 -12.96 23.70
N ASN B 17 19.58 -18.08 -1.52
CA ASN B 17 20.64 -18.03 -0.47
C ASN B 17 21.99 -17.63 -1.07
N LEU B 18 22.39 -18.34 -2.13
CA LEU B 18 23.45 -17.85 -3.04
C LEU B 18 22.80 -17.10 -4.22
N TYR B 19 21.53 -17.38 -4.50
CA TYR B 19 20.73 -16.66 -5.52
C TYR B 19 20.68 -15.18 -5.18
N PHE B 20 20.27 -14.87 -3.95
CA PHE B 20 20.16 -13.48 -3.47
C PHE B 20 21.52 -12.76 -3.45
N GLN B 21 22.58 -13.51 -3.16
CA GLN B 21 23.92 -12.94 -3.06
C GLN B 21 24.38 -12.40 -4.41
N SER B 22 24.09 -13.12 -5.48
CA SER B 22 24.52 -12.74 -6.84
C SER B 22 23.91 -11.42 -7.26
N MET B 23 22.71 -11.15 -6.77
CA MET B 23 21.86 -10.14 -7.36
C MET B 23 22.35 -8.71 -7.09
N ASP B 24 22.85 -8.42 -5.87
CA ASP B 24 23.23 -7.04 -5.48
C ASP B 24 22.06 -6.07 -5.77
N VAL B 25 20.86 -6.42 -5.31
CA VAL B 25 19.71 -5.58 -5.53
C VAL B 25 19.82 -4.24 -4.78
N GLY B 26 19.59 -3.16 -5.51
CA GLY B 26 19.77 -1.84 -4.96
C GLY B 26 19.18 -0.75 -5.82
N ILE B 27 19.51 0.48 -5.45
CA ILE B 27 19.08 1.67 -6.16
C ILE B 27 20.07 1.94 -7.27
N VAL B 28 19.56 1.95 -8.50
CA VAL B 28 20.31 2.14 -9.71
C VAL B 28 20.25 3.60 -10.14
N ALA B 29 19.10 4.24 -9.89
CA ALA B 29 18.91 5.66 -10.23
C ALA B 29 18.02 6.36 -9.22
N LEU B 30 18.27 7.66 -9.01
CA LEU B 30 17.51 8.48 -8.08
C LEU B 30 17.24 9.84 -8.71
N GLU B 31 15.96 10.15 -8.83
CA GLU B 31 15.47 11.39 -9.42
C GLU B 31 14.67 12.15 -8.37
N ILE B 32 14.95 13.44 -8.25
CA ILE B 32 14.24 14.26 -7.30
C ILE B 32 13.54 15.43 -8.02
N TYR B 33 12.34 15.75 -7.54
CA TYR B 33 11.60 16.89 -8.07
C TYR B 33 11.10 17.74 -6.89
N PHE B 34 11.23 19.05 -7.03
CA PHE B 34 10.65 20.02 -6.12
C PHE B 34 10.18 21.23 -6.94
N PRO B 35 9.15 21.95 -6.47
CA PRO B 35 8.65 23.11 -7.21
C PRO B 35 9.63 24.26 -7.29
N SER B 36 9.31 25.26 -8.12
CA SER B 36 10.23 26.36 -8.42
C SER B 36 10.10 27.58 -7.52
N GLN B 37 9.29 27.51 -6.47
CA GLN B 37 9.19 28.63 -5.50
C GLN B 37 9.23 28.13 -4.06
N TYR B 38 9.72 28.99 -3.19
CA TYR B 38 9.80 28.72 -1.76
C TYR B 38 9.49 29.99 -1.01
N VAL B 39 9.17 29.85 0.27
CA VAL B 39 9.13 30.98 1.22
C VAL B 39 10.36 30.90 2.12
N ASP B 40 11.04 32.04 2.28
CA ASP B 40 12.22 32.12 3.10
C ASP B 40 11.87 32.16 4.59
N GLN B 41 12.55 31.34 5.36
CA GLN B 41 12.21 31.18 6.77
C GLN B 41 12.48 32.41 7.65
N ALA B 42 13.55 33.16 7.39
CA ALA B 42 13.81 34.40 8.10
C ALA B 42 12.71 35.42 7.81
N GLU B 43 12.22 35.43 6.57
CA GLU B 43 11.10 36.31 6.19
C GLU B 43 9.80 35.84 6.87
N LEU B 44 9.60 34.53 6.89
CA LEU B 44 8.43 33.96 7.56
C LEU B 44 8.42 34.28 9.06
N GLU B 45 9.58 34.30 9.71
CA GLU B 45 9.68 34.74 11.13
C GLU B 45 9.12 36.16 11.31
N LYS B 46 9.55 37.08 10.45
CA LYS B 46 9.09 38.44 10.47
C LYS B 46 7.57 38.48 10.26
N TYR B 47 7.11 37.75 9.25
CA TYR B 47 5.69 37.70 8.94
C TYR B 47 4.85 37.18 10.11
N ASP B 48 5.32 36.12 10.77
CA ASP B 48 4.59 35.51 11.88
C ASP B 48 4.77 36.30 13.15
N GLY B 49 5.67 37.30 13.13
CA GLY B 49 5.96 38.12 14.29
C GLY B 49 6.63 37.39 15.42
N VAL B 50 7.47 36.39 15.10
CA VAL B 50 8.18 35.66 16.14
C VAL B 50 9.60 36.21 16.27
N ASP B 51 10.28 35.82 17.35
CA ASP B 51 11.65 36.27 17.61
C ASP B 51 12.57 35.73 16.54
N ALA B 52 13.57 36.54 16.15
CA ALA B 52 14.56 36.12 15.16
C ALA B 52 15.19 34.80 15.61
N GLY B 53 15.38 33.88 14.68
CA GLY B 53 16.03 32.60 14.90
C GLY B 53 15.11 31.43 15.20
N LYS B 54 13.86 31.71 15.59
CA LYS B 54 12.91 30.64 15.97
C LYS B 54 12.81 29.55 14.91
N TYR B 55 12.79 29.95 13.64
CA TYR B 55 12.72 28.96 12.55
C TYR B 55 14.08 28.59 12.02
N THR B 56 14.92 29.59 11.76
CA THR B 56 16.20 29.33 11.10
C THR B 56 17.20 28.57 11.98
N ILE B 57 17.12 28.77 13.31
CA ILE B 57 18.02 28.13 14.28
C ILE B 57 17.24 27.10 15.12
N GLY B 58 16.11 27.52 15.68
CA GLY B 58 15.24 26.66 16.47
C GLY B 58 14.83 25.40 15.75
N LEU B 59 14.21 25.54 14.58
CA LEU B 59 13.90 24.40 13.74
C LEU B 59 15.08 24.00 12.86
N GLY B 60 15.98 24.95 12.60
CA GLY B 60 17.11 24.71 11.71
C GLY B 60 16.74 24.76 10.23
N GLN B 61 15.78 25.59 9.87
CA GLN B 61 15.17 25.60 8.51
C GLN B 61 15.44 26.93 7.78
N ALA B 62 15.86 26.86 6.51
CA ALA B 62 16.20 28.05 5.73
C ALA B 62 15.11 28.47 4.73
N LYS B 63 14.57 27.51 3.98
CA LYS B 63 13.55 27.77 2.95
C LYS B 63 12.55 26.62 2.90
N MET B 64 11.29 26.96 2.65
CA MET B 64 10.21 25.96 2.54
C MET B 64 9.57 26.03 1.17
N GLY B 65 9.69 24.94 0.41
CA GLY B 65 9.03 24.86 -0.88
C GLY B 65 7.53 24.77 -0.71
N PHE B 66 6.82 25.33 -1.69
CA PHE B 66 5.36 25.17 -1.75
C PHE B 66 4.88 25.16 -3.21
N CYS B 67 3.65 24.69 -3.40
CA CYS B 67 3.00 24.62 -4.70
C CYS B 67 1.99 25.71 -4.94
N THR B 68 1.91 26.16 -6.19
CA THR B 68 0.74 26.88 -6.67
C THR B 68 -0.34 25.84 -6.97
N ASP B 69 -1.49 26.33 -7.39
CA ASP B 69 -2.65 25.49 -7.71
C ASP B 69 -2.45 24.62 -8.96
N ARG B 70 -1.33 24.81 -9.65
CA ARG B 70 -0.98 24.01 -10.86
C ARG B 70 -0.41 22.63 -10.59
N GLU B 71 -0.06 22.35 -9.34
CA GLU B 71 0.54 21.04 -9.04
C GLU B 71 -0.22 20.31 -7.95
N ASP B 72 -0.33 19.00 -8.12
CA ASP B 72 -0.99 18.13 -7.16
C ASP B 72 -0.20 16.81 -7.04
N ILE B 73 -0.66 15.88 -6.22
CA ILE B 73 0.11 14.64 -6.02
C ILE B 73 0.35 13.87 -7.34
N ASN B 74 -0.65 13.83 -8.21
CA ASN B 74 -0.48 13.15 -9.49
C ASN B 74 0.58 13.84 -10.36
N SER B 75 0.54 15.16 -10.45
CA SER B 75 1.47 15.88 -11.33
C SER B 75 2.91 15.77 -10.81
N LEU B 76 3.08 15.81 -9.48
CA LEU B 76 4.41 15.66 -8.88
C LEU B 76 5.03 14.31 -9.24
N CYS B 77 4.21 13.28 -9.13
CA CYS B 77 4.66 11.91 -9.40
C CYS B 77 4.89 11.68 -10.88
N MET B 78 4.01 12.20 -11.74
CA MET B 78 4.23 12.10 -13.19
C MET B 78 5.54 12.81 -13.59
N THR B 79 5.79 13.97 -12.98
CA THR B 79 6.96 14.77 -13.26
C THR B 79 8.26 14.02 -12.93
N VAL B 80 8.34 13.45 -11.74
CA VAL B 80 9.57 12.81 -11.32
C VAL B 80 9.77 11.51 -12.12
N VAL B 81 8.69 10.81 -12.44
CA VAL B 81 8.81 9.57 -13.23
C VAL B 81 9.36 9.87 -14.59
N GLN B 82 8.77 10.81 -15.29
CA GLN B 82 9.20 11.09 -16.66
C GLN B 82 10.62 11.68 -16.68
N ASN B 83 10.94 12.52 -15.69
CA ASN B 83 12.30 13.07 -15.61
C ASN B 83 13.35 11.98 -15.43
N LEU B 84 13.04 10.96 -14.61
CA LEU B 84 13.94 9.81 -14.43
C LEU B 84 14.13 9.01 -15.72
N MET B 85 13.01 8.74 -16.41
CA MET B 85 13.04 7.90 -17.59
C MET B 85 13.82 8.56 -18.68
N GLU B 86 13.64 9.87 -18.82
CA GLU B 86 14.35 10.62 -19.86
C GLU B 86 15.83 10.73 -19.50
N ARG B 87 16.13 11.07 -18.25
CA ARG B 87 17.54 11.20 -17.83
C ARG B 87 18.30 9.91 -18.11
N ASN B 88 17.64 8.79 -17.85
CA ASN B 88 18.27 7.50 -17.91
C ASN B 88 18.11 6.76 -19.26
N ASN B 89 17.48 7.42 -20.24
CA ASN B 89 17.26 6.90 -21.58
C ASN B 89 16.55 5.55 -21.52
N LEU B 90 15.46 5.49 -20.76
CA LEU B 90 14.75 4.24 -20.52
C LEU B 90 13.48 4.16 -21.33
N SER B 91 13.24 2.98 -21.86
CA SER B 91 11.99 2.63 -22.50
C SER B 91 10.95 2.33 -21.43
N TYR B 92 9.69 2.70 -21.69
CA TYR B 92 8.61 2.39 -20.73
C TYR B 92 8.31 0.89 -20.65
N ASP B 93 8.77 0.10 -21.63
CA ASP B 93 8.61 -1.36 -21.57
C ASP B 93 9.61 -2.04 -20.60
N CYS B 94 10.58 -1.29 -20.05
CA CYS B 94 11.59 -1.88 -19.15
C CYS B 94 11.21 -1.82 -17.66
N ILE B 95 10.01 -1.34 -17.36
CA ILE B 95 9.51 -1.25 -15.99
C ILE B 95 8.49 -2.37 -15.74
N GLY B 96 8.73 -3.19 -14.72
CA GLY B 96 7.82 -4.32 -14.41
C GLY B 96 7.07 -4.15 -13.11
N ARG B 97 7.47 -3.18 -12.34
CA ARG B 97 6.78 -2.85 -11.09
C ARG B 97 6.81 -1.36 -10.90
N LEU B 98 5.66 -0.78 -10.55
CA LEU B 98 5.54 0.65 -10.35
C LEU B 98 4.61 0.83 -9.18
N GLU B 99 5.06 1.57 -8.19
CA GLU B 99 4.31 1.76 -6.98
C GLU B 99 4.61 3.12 -6.34
N VAL B 100 3.56 3.71 -5.76
CA VAL B 100 3.62 5.02 -5.13
C VAL B 100 3.43 4.92 -3.60
N GLY B 101 4.38 5.52 -2.89
CA GLY B 101 4.24 5.81 -1.47
C GLY B 101 3.88 7.28 -1.30
N THR B 102 2.78 7.55 -0.59
CA THR B 102 2.33 8.94 -0.36
C THR B 102 1.39 8.98 0.84
N GLU B 103 1.18 10.18 1.41
CA GLU B 103 0.07 10.41 2.34
C GLU B 103 -0.79 11.59 1.90
N THR B 104 -0.63 12.00 0.65
CA THR B 104 -1.41 13.10 0.05
C THR B 104 -2.52 12.46 -0.75
N ILE B 105 -3.68 12.35 -0.13
CA ILE B 105 -4.76 11.52 -0.63
C ILE B 105 -5.86 12.43 -1.15
N ILE B 106 -6.05 12.45 -2.48
CA ILE B 106 -7.15 13.19 -3.10
C ILE B 106 -8.23 12.24 -3.70
N ASP B 107 -8.08 10.95 -3.48
CA ASP B 107 -9.09 9.98 -3.84
C ASP B 107 -8.94 8.77 -2.93
N LYS B 108 -10.04 8.36 -2.33
CA LYS B 108 -10.01 7.25 -1.37
C LYS B 108 -9.93 5.86 -2.00
N SER B 109 -10.15 5.74 -3.31
CA SER B 109 -10.01 4.42 -3.96
C SER B 109 -9.04 4.36 -5.16
N LYS B 110 -8.95 5.44 -5.91
CA LYS B 110 -8.16 5.46 -7.13
C LYS B 110 -6.71 5.87 -6.85
N SER B 111 -5.81 4.92 -7.06
CA SER B 111 -4.41 5.11 -6.75
C SER B 111 -3.72 6.09 -7.72
N VAL B 112 -2.71 6.77 -7.21
CA VAL B 112 -1.81 7.58 -8.05
C VAL B 112 -1.21 6.67 -9.14
N LYS B 113 -0.88 5.44 -8.79
CA LYS B 113 -0.30 4.50 -9.73
C LYS B 113 -1.14 4.38 -10.97
N THR B 114 -2.46 4.28 -10.83
CA THR B 114 -3.35 4.17 -12.01
C THR B 114 -3.30 5.43 -12.85
N ASN B 115 -3.18 6.60 -12.21
CA ASN B 115 -2.97 7.88 -12.94
C ASN B 115 -1.68 7.90 -13.74
N LEU B 116 -0.62 7.34 -13.16
CA LEU B 116 0.71 7.25 -13.81
C LEU B 116 0.71 6.35 -15.05
N MET B 117 -0.29 5.49 -15.18
CA MET B 117 -0.37 4.63 -16.35
C MET B 117 -0.58 5.41 -17.66
N GLN B 118 -1.12 6.61 -17.57
CA GLN B 118 -1.15 7.56 -18.70
C GLN B 118 0.19 7.63 -19.44
N LEU B 119 1.30 7.61 -18.68
CA LEU B 119 2.65 7.72 -19.21
C LEU B 119 3.10 6.45 -19.94
N PHE B 120 2.48 5.33 -19.60
CA PHE B 120 2.85 4.02 -20.15
C PHE B 120 2.00 3.57 -21.34
N GLU B 121 0.89 4.28 -21.59
CA GLU B 121 -0.07 3.92 -22.66
C GLU B 121 0.57 3.73 -24.04
N GLU B 122 1.38 4.68 -24.47
CA GLU B 122 1.97 4.62 -25.79
C GLU B 122 2.84 3.37 -26.00
N SER B 123 3.57 2.93 -24.96
CA SER B 123 4.41 1.72 -25.07
C SER B 123 3.59 0.42 -25.13
N GLY B 124 2.36 0.46 -24.63
CA GLY B 124 1.56 -0.76 -24.49
C GLY B 124 1.96 -1.63 -23.29
N ASN B 125 2.89 -1.16 -22.45
CA ASN B 125 3.28 -1.92 -21.24
C ASN B 125 2.30 -1.65 -20.10
N THR B 126 1.38 -2.59 -19.88
CA THR B 126 0.35 -2.45 -18.85
C THR B 126 0.42 -3.57 -17.79
N ASP B 127 1.32 -4.54 -18.02
CA ASP B 127 1.54 -5.65 -17.09
C ASP B 127 2.55 -5.23 -16.04
N ILE B 128 2.15 -4.31 -15.16
CA ILE B 128 3.06 -3.69 -14.22
C ILE B 128 2.46 -3.78 -12.83
N GLU B 129 3.05 -4.63 -12.00
CA GLU B 129 2.60 -4.89 -10.63
C GLU B 129 2.75 -3.64 -9.79
N GLY B 130 1.96 -3.53 -8.72
CA GLY B 130 2.08 -2.41 -7.78
C GLY B 130 0.91 -1.44 -7.85
N ILE B 131 0.60 -0.85 -6.71
CA ILE B 131 -0.43 0.19 -6.60
C ILE B 131 0.15 1.30 -5.71
N ASP B 132 -0.61 1.78 -4.72
CA ASP B 132 -0.12 2.78 -3.75
C ASP B 132 -0.11 2.12 -2.38
N THR B 133 0.70 2.70 -1.50
CA THR B 133 0.84 2.22 -0.14
C THR B 133 1.08 3.43 0.78
N THR B 134 0.32 3.46 1.87
CA THR B 134 0.26 4.63 2.74
C THR B 134 0.36 4.29 4.23
N ASN B 135 1.36 4.89 4.87
CA ASN B 135 1.33 5.22 6.28
C ASN B 135 2.22 6.44 6.55
N ALA B 136 1.60 7.62 6.58
CA ALA B 136 2.28 8.88 6.89
C ALA B 136 3.54 8.99 6.06
N TYR B 138 6.15 7.08 5.96
CA TYR B 138 6.83 5.77 5.81
C TYR B 138 6.51 5.03 4.47
N GLY B 139 5.48 5.47 3.76
CA GLY B 139 5.01 4.81 2.54
C GLY B 139 6.01 4.63 1.44
N GLY B 140 6.91 5.60 1.26
CA GLY B 140 7.98 5.44 0.29
C GLY B 140 8.84 4.22 0.61
N THR B 141 9.30 4.15 1.84
CA THR B 141 10.10 3.02 2.30
C THR B 141 9.36 1.68 2.17
N ALA B 142 8.09 1.64 2.53
CA ALA B 142 7.24 0.46 2.30
C ALA B 142 7.29 0.02 0.85
N ALA B 143 7.14 0.97 -0.08
CA ALA B 143 7.22 0.67 -1.51
C ALA B 143 8.60 0.17 -1.93
N VAL B 144 9.65 0.79 -1.39
CA VAL B 144 11.00 0.34 -1.63
C VAL B 144 11.16 -1.12 -1.24
N PHE B 145 10.70 -1.47 -0.05
CA PHE B 145 10.83 -2.85 0.42
C PHE B 145 10.05 -3.81 -0.47
N ASN B 146 8.83 -3.41 -0.85
CA ASN B 146 8.03 -4.21 -1.79
C ASN B 146 8.77 -4.45 -3.12
N ALA B 147 9.48 -3.43 -3.60
CA ALA B 147 10.20 -3.51 -4.86
C ALA B 147 11.37 -4.46 -4.75
N VAL B 148 12.16 -4.31 -3.69
CA VAL B 148 13.27 -5.24 -3.42
C VAL B 148 12.81 -6.69 -3.29
N ASN B 149 11.76 -6.90 -2.50
CA ASN B 149 11.19 -8.23 -2.31
C ASN B 149 10.76 -8.83 -3.67
N TRP B 150 10.14 -8.01 -4.51
CA TRP B 150 9.67 -8.47 -5.81
C TRP B 150 10.81 -8.89 -6.74
N ILE B 151 11.87 -8.08 -6.82
CA ILE B 151 13.04 -8.42 -7.63
C ILE B 151 13.62 -9.76 -7.19
N GLU B 152 13.59 -10.01 -5.88
CA GLU B 152 14.15 -11.24 -5.31
C GLU B 152 13.22 -12.45 -5.38
N SER B 153 12.00 -12.26 -5.85
CA SER B 153 10.98 -13.29 -5.83
C SER B 153 10.91 -14.11 -7.11
N SER B 154 10.12 -15.19 -7.08
CA SER B 154 9.78 -15.95 -8.26
C SER B 154 9.00 -15.16 -9.34
N SER B 155 8.44 -14.01 -9.01
CA SER B 155 7.62 -13.23 -9.93
C SER B 155 8.42 -12.17 -10.70
N TRP B 156 9.68 -11.96 -10.33
CA TRP B 156 10.51 -11.03 -11.09
C TRP B 156 10.61 -11.53 -12.54
N ASP B 157 10.48 -10.61 -13.48
CA ASP B 157 10.54 -10.94 -14.89
C ASP B 157 11.71 -10.26 -15.62
N GLY B 158 12.72 -9.81 -14.88
CA GLY B 158 13.93 -9.23 -15.47
C GLY B 158 13.86 -7.73 -15.62
N ARG B 159 12.70 -7.14 -15.37
CA ARG B 159 12.51 -5.69 -15.52
C ARG B 159 12.79 -4.92 -14.24
N TYR B 160 13.04 -3.61 -14.37
CA TYR B 160 13.24 -2.76 -13.21
C TYR B 160 11.97 -2.60 -12.40
N ALA B 161 12.14 -2.32 -11.11
CA ALA B 161 11.10 -1.77 -10.25
C ALA B 161 11.30 -0.26 -10.17
N LEU B 162 10.19 0.47 -10.13
CA LEU B 162 10.20 1.93 -10.01
C LEU B 162 9.31 2.31 -8.81
N VAL B 163 9.90 3.02 -7.86
CA VAL B 163 9.23 3.51 -6.69
C VAL B 163 9.17 5.03 -6.72
N VAL B 164 8.00 5.57 -6.46
CA VAL B 164 7.81 7.00 -6.37
C VAL B 164 7.29 7.33 -4.99
N ALA B 165 8.00 8.20 -4.30
CA ALA B 165 7.53 8.78 -3.05
C ALA B 165 7.26 10.24 -3.32
N GLY B 166 6.06 10.70 -3.01
CA GLY B 166 5.71 12.11 -3.25
C GLY B 166 4.67 12.61 -2.27
N ASP B 167 4.73 13.90 -1.96
CA ASP B 167 3.80 14.47 -1.00
C ASP B 167 3.83 16.00 -1.04
N ILE B 168 2.67 16.56 -0.65
CA ILE B 168 2.53 17.97 -0.34
C ILE B 168 2.29 18.08 1.17
N ALA B 169 3.26 18.60 1.89
CA ALA B 169 3.14 18.75 3.35
C ALA B 169 2.72 20.17 3.70
N VAL B 170 1.49 20.30 4.20
CA VAL B 170 0.94 21.60 4.62
C VAL B 170 0.31 21.45 6.00
N TYR B 171 0.57 22.40 6.88
CA TYR B 171 -0.02 22.42 8.21
C TYR B 171 -0.91 23.63 8.42
N ALA B 172 -1.83 23.55 9.37
CA ALA B 172 -2.65 24.69 9.77
C ALA B 172 -1.74 25.75 10.37
N THR B 173 -2.21 27.00 10.39
CA THR B 173 -1.43 28.08 11.00
C THR B 173 -1.01 27.72 12.44
N GLY B 174 0.19 28.15 12.80
CA GLY B 174 0.80 27.77 14.08
C GLY B 174 2.22 27.24 13.91
N ASN B 175 2.74 26.65 14.98
CA ASN B 175 4.15 26.29 15.07
C ASN B 175 4.59 25.11 14.22
N ALA B 176 3.63 24.38 13.63
CA ALA B 176 3.92 23.33 12.66
C ALA B 176 4.03 23.83 11.21
N ARG B 177 3.39 24.94 10.88
CA ARG B 177 3.39 25.48 9.50
C ARG B 177 4.79 25.63 8.89
N PRO B 178 5.76 26.21 9.65
CA PRO B 178 7.13 26.26 9.12
C PRO B 178 7.81 24.90 8.83
N THR B 179 7.18 23.80 9.23
CA THR B 179 7.80 22.49 9.02
C THR B 179 7.17 21.70 7.86
N GLY B 180 6.47 22.38 6.96
CA GLY B 180 5.96 21.74 5.74
C GLY B 180 6.97 21.73 4.61
N GLY B 181 6.48 21.52 3.40
CA GLY B 181 7.33 21.32 2.24
C GLY B 181 6.59 20.54 1.18
N VAL B 182 7.31 20.11 0.16
CA VAL B 182 6.70 19.41 -0.97
C VAL B 182 7.81 18.88 -1.85
N GLY B 183 7.65 17.65 -2.31
CA GLY B 183 8.61 17.09 -3.26
C GLY B 183 8.27 15.65 -3.60
N ALA B 184 8.97 15.13 -4.60
CA ALA B 184 8.85 13.73 -5.01
C ALA B 184 10.24 13.20 -5.36
N VAL B 185 10.46 11.93 -5.04
CA VAL B 185 11.66 11.22 -5.45
C VAL B 185 11.22 9.92 -6.17
N ALA B 186 11.86 9.61 -7.29
CA ALA B 186 11.71 8.32 -7.95
C ALA B 186 12.99 7.51 -7.81
N LEU B 187 12.82 6.23 -7.47
CA LEU B 187 13.94 5.30 -7.28
C LEU B 187 13.77 4.15 -8.24
N LEU B 188 14.77 3.94 -9.10
CA LEU B 188 14.84 2.80 -9.99
C LEU B 188 15.67 1.76 -9.26
N ILE B 189 15.08 0.57 -9.12
CA ILE B 189 15.62 -0.51 -8.30
C ILE B 189 15.79 -1.74 -9.18
N GLY B 190 16.97 -2.37 -9.08
CA GLY B 190 17.26 -3.57 -9.84
C GLY B 190 18.53 -4.23 -9.35
N PRO B 191 18.95 -5.31 -10.02
CA PRO B 191 20.17 -6.04 -9.63
C PRO B 191 21.43 -5.28 -10.00
N ASN B 192 22.55 -5.70 -9.44
CA ASN B 192 23.88 -5.15 -9.71
C ASN B 192 23.92 -3.63 -9.62
N ALA B 193 23.33 -3.11 -8.55
CA ALA B 193 23.18 -1.69 -8.33
C ALA B 193 24.39 -1.12 -7.56
N PRO B 194 24.63 0.20 -7.68
CA PRO B 194 25.70 0.89 -6.94
C PRO B 194 25.42 1.13 -5.47
N LEU B 195 24.14 1.14 -5.09
CA LEU B 195 23.73 1.32 -3.70
C LEU B 195 22.91 0.09 -3.34
N ILE B 196 23.49 -0.82 -2.57
CA ILE B 196 22.97 -2.19 -2.43
C ILE B 196 22.34 -2.34 -1.06
N PHE B 197 21.08 -2.79 -1.03
CA PHE B 197 20.41 -3.03 0.22
C PHE B 197 21.16 -4.14 0.96
N GLU B 198 21.48 -3.90 2.22
CA GLU B 198 22.22 -4.87 3.01
C GLU B 198 21.23 -5.88 3.50
N ARG B 199 21.37 -7.09 3.00
CA ARG B 199 20.34 -8.10 3.16
C ARG B 199 20.14 -8.54 4.60
N GLY B 200 18.87 -8.67 4.99
CA GLY B 200 18.51 -9.13 6.32
C GLY B 200 18.65 -8.10 7.44
N LEU B 201 18.89 -6.84 7.10
CA LEU B 201 19.10 -5.81 8.12
C LEU B 201 18.01 -4.73 8.06
N ARG B 202 16.78 -5.16 8.27
CA ARG B 202 15.64 -4.25 8.45
C ARG B 202 15.20 -4.28 9.90
N GLY B 203 15.53 -3.21 10.63
CA GLY B 203 15.12 -3.09 12.02
C GLY B 203 13.81 -2.34 12.06
N THR B 204 12.71 -3.08 12.08
CA THR B 204 11.37 -2.47 11.99
C THR B 204 10.67 -2.38 13.33
N HIS B 205 9.89 -1.32 13.49
CA HIS B 205 9.03 -1.16 14.66
C HIS B 205 7.74 -0.47 14.25
N MET B 206 6.62 -1.12 14.56
CA MET B 206 5.28 -0.54 14.39
C MET B 206 4.46 -0.57 15.68
N GLN B 207 3.62 0.46 15.86
CA GLN B 207 2.97 0.72 17.12
C GLN B 207 1.71 1.56 16.88
N HIS B 208 0.65 1.29 17.64
CA HIS B 208 -0.57 2.08 17.54
C HIS B 208 -0.37 3.41 18.28
N ALA B 209 -0.27 4.50 17.55
CA ALA B 209 -0.07 5.83 18.13
C ALA B 209 -0.90 6.90 17.42
N TYR B 210 -1.28 7.92 18.19
CA TYR B 210 -1.96 9.11 17.65
C TYR B 210 -1.09 10.37 17.73
N ASP B 211 0.14 10.29 17.24
CA ASP B 211 1.03 11.44 17.28
C ASP B 211 0.73 12.46 16.17
N PHE B 212 0.38 11.94 15.00
CA PHE B 212 0.05 12.73 13.79
C PHE B 212 -0.85 11.80 12.99
N TYR B 213 -2.01 12.33 12.58
CA TYR B 213 -2.97 11.55 11.83
C TYR B 213 -3.93 12.51 11.09
N LYS B 214 -4.58 12.02 10.04
CA LYS B 214 -5.43 12.85 9.19
C LYS B 214 -6.85 12.30 9.05
N PRO B 215 -7.64 12.36 10.14
CA PRO B 215 -9.01 11.85 10.14
C PRO B 215 -10.01 12.87 9.66
N ASP B 216 -9.64 14.15 9.65
CA ASP B 216 -10.53 15.21 9.22
C ASP B 216 -10.54 15.25 7.70
N MET B 217 -11.63 14.75 7.12
CA MET B 217 -11.76 14.69 5.67
C MET B 217 -12.13 16.06 5.06
N LEU B 218 -12.62 17.00 5.89
CA LEU B 218 -12.97 18.36 5.46
C LEU B 218 -11.75 19.29 5.27
N SER B 219 -10.59 18.88 5.76
CA SER B 219 -9.39 19.72 5.74
C SER B 219 -8.21 18.96 5.20
N GLU B 220 -7.29 19.67 4.54
CA GLU B 220 -6.03 19.07 4.11
C GLU B 220 -5.06 18.86 5.28
N TYR B 221 -5.27 19.60 6.37
CA TYR B 221 -4.30 19.60 7.49
C TYR B 221 -4.46 18.41 8.44
N PRO B 222 -3.33 17.92 8.97
CA PRO B 222 -3.33 16.85 9.96
C PRO B 222 -3.68 17.35 11.36
N ILE B 223 -4.13 16.43 12.20
CA ILE B 223 -4.11 16.63 13.65
C ILE B 223 -2.72 16.23 14.13
N VAL B 224 -2.05 17.15 14.81
CA VAL B 224 -0.69 16.92 15.28
C VAL B 224 -0.64 17.07 16.80
N ASP B 225 -0.05 16.10 17.46
CA ASP B 225 0.29 16.19 18.87
C ASP B 225 1.80 16.37 18.86
N GLY B 226 2.24 17.62 18.83
CA GLY B 226 3.65 17.94 18.55
C GLY B 226 4.65 17.23 19.44
N LYS B 227 4.45 17.34 20.74
CA LYS B 227 5.33 16.71 21.71
C LYS B 227 5.32 15.19 21.59
N LEU B 228 4.13 14.59 21.49
CA LEU B 228 4.01 13.16 21.28
C LEU B 228 4.73 12.72 19.99
N SER B 229 4.64 13.54 18.92
CA SER B 229 5.31 13.16 17.65
C SER B 229 6.83 13.08 17.82
N ILE B 230 7.39 13.94 18.66
CA ILE B 230 8.82 13.92 18.89
C ILE B 230 9.21 12.69 19.70
N GLN B 231 8.47 12.45 20.77
CA GLN B 231 8.67 11.25 21.57
C GLN B 231 8.54 9.96 20.76
N CYS B 232 7.54 9.89 19.87
CA CYS B 232 7.34 8.68 19.05
C CYS B 232 8.47 8.48 18.05
N TYR B 233 8.88 9.56 17.41
CA TYR B 233 10.02 9.51 16.51
C TYR B 233 11.27 8.97 17.22
N LEU B 234 11.56 9.50 18.40
CA LEU B 234 12.77 9.14 19.15
C LEU B 234 12.71 7.72 19.74
N SER B 235 11.56 7.32 20.28
CA SER B 235 11.38 5.96 20.81
C SER B 235 11.43 4.95 19.67
N ALA B 236 10.84 5.30 18.53
CA ALA B 236 10.97 4.45 17.34
C ALA B 236 12.43 4.29 16.91
N LEU B 237 13.18 5.39 16.91
CA LEU B 237 14.59 5.34 16.57
C LEU B 237 15.33 4.36 17.51
N ASP B 238 15.10 4.48 18.82
CA ASP B 238 15.72 3.61 19.81
C ASP B 238 15.47 2.15 19.48
N ARG B 239 14.20 1.85 19.22
CA ARG B 239 13.80 0.48 19.01
C ARG B 239 14.37 -0.07 17.68
N CYS B 240 14.23 0.72 16.63
CA CYS B 240 14.73 0.29 15.31
C CYS B 240 16.25 0.05 15.30
N TYR B 241 17.00 0.94 15.95
CA TYR B 241 18.44 0.81 16.05
C TYR B 241 18.83 -0.45 16.81
N SER B 242 18.11 -0.73 17.89
CA SER B 242 18.37 -1.96 18.63
C SER B 242 18.07 -3.23 17.80
N VAL B 243 16.96 -3.25 17.07
CA VAL B 243 16.63 -4.42 16.23
C VAL B 243 17.69 -4.57 15.10
N TYR B 244 18.02 -3.45 14.45
CA TYR B 244 19.07 -3.42 13.43
C TYR B 244 20.38 -3.99 14.00
N CYS B 245 20.80 -3.53 15.18
CA CYS B 245 22.04 -4.02 15.79
C CYS B 245 22.02 -5.51 16.14
N LYS B 246 20.86 -5.99 16.59
CA LYS B 246 20.69 -7.40 16.94
C LYS B 246 20.86 -8.24 15.68
N LYS B 247 20.29 -7.76 14.57
CA LYS B 247 20.38 -8.49 13.33
C LYS B 247 21.79 -8.52 12.77
N ILE B 248 22.50 -7.38 12.80
CA ILE B 248 23.87 -7.37 12.26
C ILE B 248 24.82 -8.19 13.13
N HIS B 249 24.61 -8.11 14.45
CA HIS B 249 25.43 -8.88 15.38
C HIS B 249 25.34 -10.36 15.09
N ALA B 250 24.14 -10.84 14.77
CA ALA B 250 23.92 -12.27 14.48
C ALA B 250 24.65 -12.73 13.19
N GLN B 251 24.63 -11.88 12.17
CA GLN B 251 25.40 -12.14 10.95
C GLN B 251 26.91 -12.16 11.21
N TRP B 252 27.40 -11.12 11.88
CA TRP B 252 28.80 -11.01 12.25
C TRP B 252 29.27 -12.21 13.06
N GLN B 253 28.45 -12.64 14.03
CA GLN B 253 28.82 -13.77 14.91
C GLN B 253 29.02 -15.08 14.13
N LYS B 254 28.17 -15.30 13.11
CA LYS B 254 28.32 -16.43 12.20
C LYS B 254 29.68 -16.42 11.47
N GLU B 255 30.14 -15.21 11.13
CA GLU B 255 31.42 -15.00 10.46
C GLU B 255 32.58 -14.90 11.45
N GLY B 256 32.33 -15.21 12.72
CA GLY B 256 33.38 -15.15 13.74
C GLY B 256 33.77 -13.75 14.19
N ASN B 257 32.88 -12.79 14.05
CA ASN B 257 33.09 -11.44 14.54
C ASN B 257 32.11 -11.14 15.69
N ASP B 258 32.65 -10.95 16.90
CA ASP B 258 31.81 -10.75 18.11
C ASP B 258 31.80 -9.30 18.59
N LYS B 259 32.08 -8.35 17.70
CA LYS B 259 32.09 -6.94 18.08
C LYS B 259 30.67 -6.37 18.08
N ASP B 260 30.47 -5.29 18.84
CA ASP B 260 29.21 -4.54 18.84
C ASP B 260 29.23 -3.43 17.76
N PHE B 261 28.09 -3.27 17.09
CA PHE B 261 27.86 -2.21 16.13
C PHE B 261 27.74 -0.89 16.86
N THR B 262 28.42 0.14 16.36
CA THR B 262 28.28 1.51 16.86
C THR B 262 28.12 2.48 15.68
N LEU B 263 27.92 3.76 15.98
CA LEU B 263 27.81 4.78 14.93
C LEU B 263 29.03 4.81 13.99
N ASN B 264 30.18 4.36 14.47
CA ASN B 264 31.39 4.38 13.67
C ASN B 264 31.35 3.35 12.56
N ASP B 265 30.43 2.39 12.66
CA ASP B 265 30.16 1.42 11.60
C ASP B 265 29.27 1.96 10.47
N PHE B 266 28.67 3.14 10.64
CA PHE B 266 28.04 3.87 9.53
C PHE B 266 29.01 4.89 8.95
N GLY B 267 29.18 4.93 7.63
CA GLY B 267 29.94 6.01 6.99
C GLY B 267 29.07 7.26 6.89
N PHE B 268 27.81 7.05 6.54
CA PHE B 268 26.79 8.11 6.57
C PHE B 268 25.55 7.60 7.29
N MET B 269 24.80 8.52 7.89
CA MET B 269 23.55 8.18 8.59
C MET B 269 22.49 9.18 8.25
N ILE B 270 21.46 8.72 7.54
CA ILE B 270 20.40 9.61 7.11
C ILE B 270 19.06 9.29 7.74
N PHE B 271 18.19 10.30 7.76
CA PHE B 271 16.97 10.28 8.55
C PHE B 271 15.85 10.90 7.78
N HIS B 272 14.66 10.40 8.01
CA HIS B 272 13.48 11.21 7.76
C HIS B 272 13.69 12.52 8.50
N SER B 273 13.50 13.66 7.80
CA SER B 273 13.81 14.99 8.35
CA SER B 273 13.83 14.98 8.32
C SER B 273 12.57 15.89 8.41
N PRO B 274 11.82 15.83 9.52
CA PRO B 274 10.70 16.76 9.70
C PRO B 274 11.20 18.23 9.76
N TYR B 275 12.36 18.39 10.37
CA TYR B 275 13.12 19.66 10.40
C TYR B 275 14.52 19.28 10.87
N CYS B 276 15.51 20.10 10.55
CA CYS B 276 16.89 19.75 10.76
C CYS B 276 17.27 19.57 12.22
N LYS B 277 16.72 20.38 13.12
CA LYS B 277 17.07 20.30 14.54
C LYS B 277 16.81 18.89 15.08
N LEU B 278 15.66 18.32 14.74
CA LEU B 278 15.32 16.97 15.22
C LEU B 278 16.34 15.98 14.74
N VAL B 279 16.82 16.14 13.52
CA VAL B 279 17.82 15.21 12.99
C VAL B 279 19.13 15.28 13.77
N GLN B 280 19.54 16.49 14.14
CA GLN B 280 20.71 16.68 14.98
C GLN B 280 20.51 16.03 16.34
N LYS B 281 19.32 16.20 16.91
CA LYS B 281 18.95 15.53 18.15
C LYS B 281 18.95 13.99 18.03
N SER B 282 18.55 13.50 16.86
CA SER B 282 18.43 12.07 16.62
C SER B 282 19.78 11.39 16.54
N LEU B 283 20.73 12.01 15.85
CA LEU B 283 22.08 11.46 15.83
C LEU B 283 22.64 11.42 17.24
N ALA B 284 22.39 12.46 18.03
CA ALA B 284 22.84 12.50 19.41
C ALA B 284 22.17 11.40 20.22
N ARG B 285 20.92 11.09 19.90
CA ARG B 285 20.20 10.00 20.55
C ARG B 285 20.84 8.64 20.24
N MET B 286 21.30 8.48 19.00
CA MET B 286 21.98 7.24 18.61
C MET B 286 23.29 7.06 19.38
N LEU B 287 24.03 8.16 19.56
CA LEU B 287 25.24 8.11 20.40
C LEU B 287 24.91 7.70 21.84
N LEU B 288 23.80 8.21 22.36
CA LEU B 288 23.35 7.87 23.70
C LEU B 288 23.08 6.37 23.79
N ASN B 289 22.43 5.83 22.76
CA ASN B 289 22.27 4.37 22.62
C ASN B 289 23.61 3.63 22.67
N ASP B 290 24.58 4.10 21.89
CA ASP B 290 25.93 3.50 21.88
C ASP B 290 26.58 3.54 23.26
N PHE B 291 26.46 4.71 23.88
CA PHE B 291 26.96 4.95 25.23
C PHE B 291 26.40 3.94 26.23
N LEU B 292 25.08 3.85 26.29
CA LEU B 292 24.44 2.99 27.29
C LEU B 292 24.76 1.53 27.01
N ASN B 293 24.90 1.16 25.73
CA ASN B 293 25.17 -0.23 25.36
C ASN B 293 26.59 -0.70 25.63
N ASP B 294 27.51 0.22 25.75
CA ASP B 294 28.90 -0.10 25.98
C ASP B 294 29.15 -0.28 27.48
N GLN B 295 29.43 -1.50 27.92
CA GLN B 295 29.70 -1.71 29.36
C GLN B 295 31.03 -1.09 29.82
N ASN B 296 31.87 -0.72 28.86
CA ASN B 296 33.14 -0.02 29.13
C ASN B 296 33.06 1.46 28.72
N ARG B 297 31.95 2.12 29.08
CA ARG B 297 31.72 3.55 28.81
C ARG B 297 32.87 4.40 29.31
N ASP B 298 33.23 4.15 30.58
CA ASP B 298 34.13 5.01 31.35
C ASP B 298 35.62 4.80 31.04
N LYS B 299 35.91 3.99 30.02
CA LYS B 299 37.28 3.80 29.51
C LYS B 299 37.39 4.06 28.00
N ASN B 300 36.37 4.68 27.41
CA ASN B 300 36.34 4.96 25.98
C ASN B 300 36.35 6.48 25.76
N SER B 301 37.39 6.99 25.11
CA SER B 301 37.59 8.44 24.95
C SER B 301 36.46 9.16 24.17
N ILE B 302 35.68 8.41 23.39
CA ILE B 302 34.51 8.96 22.70
C ILE B 302 33.46 9.55 23.68
N TYR B 303 33.35 8.95 24.87
CA TYR B 303 32.35 9.26 25.90
C TYR B 303 32.89 10.08 27.08
N SER B 304 34.06 10.70 26.89
CA SER B 304 34.70 11.45 27.95
C SER B 304 33.81 12.63 28.39
N GLY B 305 33.60 12.77 29.70
CA GLY B 305 32.77 13.84 30.24
C GLY B 305 31.31 13.49 30.40
N LEU B 306 30.91 12.29 29.99
CA LEU B 306 29.49 11.88 30.03
C LEU B 306 29.20 10.88 31.17
N GLU B 307 30.13 10.77 32.11
CA GLU B 307 30.01 9.80 33.20
C GLU B 307 28.76 10.01 34.08
N ALA B 308 28.33 11.27 34.23
CA ALA B 308 27.14 11.59 35.01
C ALA B 308 25.86 10.95 34.46
N PHE B 309 25.88 10.57 33.17
CA PHE B 309 24.70 9.99 32.54
C PHE B 309 24.75 8.45 32.46
N GLY B 310 25.76 7.83 33.05
CA GLY B 310 25.92 6.38 32.94
C GLY B 310 24.68 5.56 33.31
N ASP B 311 23.90 6.05 34.28
CA ASP B 311 22.74 5.29 34.78
C ASP B 311 21.37 5.65 34.20
N VAL B 312 21.32 6.55 33.21
CA VAL B 312 20.02 7.01 32.72
C VAL B 312 19.36 5.97 31.83
N LYS B 313 18.02 6.01 31.80
CA LYS B 313 17.22 5.13 30.95
C LYS B 313 16.70 5.87 29.70
N LEU B 314 16.71 5.20 28.55
CA LEU B 314 16.21 5.80 27.29
C LEU B 314 14.82 6.38 27.48
N GLU B 315 13.91 5.60 28.06
CA GLU B 315 12.51 6.00 28.19
C GLU B 315 12.29 7.21 29.12
N ASP B 316 13.30 7.56 29.93
CA ASP B 316 13.19 8.66 30.87
C ASP B 316 13.79 9.94 30.31
N THR B 317 14.39 9.87 29.12
CA THR B 317 15.23 10.97 28.65
C THR B 317 14.81 11.60 27.33
N TYR B 318 13.58 11.35 26.87
CA TYR B 318 13.16 11.87 25.56
C TYR B 318 13.23 13.40 25.50
N PHE B 319 13.00 14.07 26.64
CA PHE B 319 13.03 15.53 26.71
C PHE B 319 13.97 16.06 27.81
N ASP B 320 14.92 15.21 28.23
CA ASP B 320 15.92 15.60 29.22
C ASP B 320 16.92 16.51 28.50
N ARG B 321 16.93 17.80 28.86
CA ARG B 321 17.79 18.78 28.19
C ARG B 321 19.28 18.67 28.53
N ASP B 322 19.61 18.15 29.72
CA ASP B 322 21.01 17.95 30.12
C ASP B 322 21.63 16.82 29.27
N VAL B 323 20.90 15.72 29.15
CA VAL B 323 21.36 14.60 28.33
C VAL B 323 21.51 15.08 26.88
N GLU B 324 20.50 15.80 26.41
CA GLU B 324 20.49 16.30 25.05
C GLU B 324 21.69 17.22 24.76
N LYS B 325 21.91 18.21 25.62
CA LYS B 325 23.00 19.16 25.43
C LYS B 325 24.35 18.44 25.40
N ALA B 326 24.55 17.55 26.36
CA ALA B 326 25.79 16.77 26.45
C ALA B 326 26.02 15.91 25.23
N PHE B 327 24.99 15.19 24.78
CA PHE B 327 25.16 14.26 23.65
C PHE B 327 25.14 14.94 22.27
N MET B 328 24.50 16.11 22.16
CA MET B 328 24.65 16.90 20.94
C MET B 328 26.07 17.42 20.82
N LYS B 329 26.63 17.91 21.92
CA LYS B 329 28.03 18.34 21.89
C LYS B 329 28.95 17.16 21.58
N ALA B 330 28.75 16.02 22.25
CA ALA B 330 29.61 14.85 22.07
C ALA B 330 29.52 14.23 20.69
N SER B 331 28.40 14.42 20.00
CA SER B 331 28.20 13.89 18.63
C SER B 331 28.37 14.92 17.50
N SER B 332 28.84 16.11 17.82
CA SER B 332 28.97 17.19 16.81
C SER B 332 29.84 16.80 15.60
N GLU B 333 30.95 16.12 15.86
CA GLU B 333 31.85 15.74 14.77
C GLU B 333 31.28 14.58 13.97
N LEU B 334 30.64 13.63 14.67
CA LEU B 334 29.92 12.53 14.00
C LEU B 334 28.77 13.08 13.16
N PHE B 335 28.08 14.09 13.68
CA PHE B 335 27.00 14.74 12.94
C PHE B 335 27.53 15.42 11.66
N SER B 336 28.57 16.24 11.79
CA SER B 336 29.22 16.87 10.64
C SER B 336 29.68 15.85 9.56
N GLN B 337 30.31 14.76 9.96
CA GLN B 337 30.84 13.76 9.01
C GLN B 337 29.74 12.88 8.38
N LYS B 338 28.74 12.50 9.16
CA LYS B 338 27.84 11.45 8.71
C LYS B 338 26.48 11.95 8.21
N THR B 339 26.04 13.09 8.74
CA THR B 339 24.62 13.47 8.65
C THR B 339 24.36 14.91 8.14
N LYS B 340 25.26 15.85 8.41
CA LYS B 340 24.97 17.27 8.08
C LYS B 340 24.71 17.51 6.59
N ALA B 341 25.57 16.95 5.74
CA ALA B 341 25.46 17.12 4.30
C ALA B 341 24.13 16.58 3.76
N SER B 342 23.68 15.45 4.30
CA SER B 342 22.38 14.86 3.96
C SER B 342 21.20 15.80 4.20
N LEU B 343 21.38 16.83 5.02
CA LEU B 343 20.28 17.75 5.31
C LEU B 343 20.11 18.90 4.28
N LEU B 344 20.88 18.91 3.18
CA LEU B 344 20.75 19.97 2.16
C LEU B 344 19.31 20.22 1.73
N VAL B 345 18.63 19.17 1.32
CA VAL B 345 17.27 19.32 0.80
C VAL B 345 16.30 19.72 1.89
N SER B 346 16.38 19.07 3.04
CA SER B 346 15.53 19.43 4.18
C SER B 346 15.67 20.91 4.55
N ASN B 347 16.92 21.39 4.70
CA ASN B 347 17.17 22.77 5.11
C ASN B 347 16.68 23.78 4.07
N GLN B 348 16.83 23.43 2.79
CA GLN B 348 16.48 24.34 1.69
C GLN B 348 15.07 24.18 1.11
N ASN B 349 14.35 23.12 1.50
CA ASN B 349 13.04 22.84 0.95
C ASN B 349 11.98 22.44 1.98
N GLY B 350 12.40 21.97 3.15
CA GLY B 350 11.47 21.50 4.17
C GLY B 350 11.17 20.02 4.10
N ASN B 351 10.08 19.65 4.79
CA ASN B 351 9.66 18.25 4.95
C ASN B 351 8.84 17.80 3.75
N MET B 352 9.35 16.81 3.03
CA MET B 352 8.70 16.26 1.85
C MET B 352 7.93 14.97 2.16
N TYR B 353 7.68 14.73 3.45
CA TYR B 353 6.98 13.54 3.97
C TYR B 353 7.61 12.20 3.52
N THR B 354 6.91 11.39 2.73
CA THR B 354 7.46 10.09 2.30
C THR B 354 8.81 10.20 1.57
N SER B 355 9.02 11.29 0.83
CA SER B 355 10.28 11.44 0.10
C SER B 355 11.41 12.11 0.88
N SER B 356 11.13 12.56 2.11
CA SER B 356 12.15 13.29 2.90
C SER B 356 13.45 12.55 3.06
N VAL B 357 13.39 11.31 3.55
CA VAL B 357 14.60 10.55 3.77
C VAL B 357 15.34 10.29 2.46
N TYR B 358 14.61 10.15 1.35
CA TYR B 358 15.19 9.94 0.03
C TYR B 358 15.81 11.23 -0.53
N GLY B 359 15.28 12.38 -0.10
CA GLY B 359 15.91 13.67 -0.32
C GLY B 359 17.23 13.81 0.42
N SER B 360 17.28 13.18 1.61
CA SER B 360 18.53 13.15 2.37
C SER B 360 19.55 12.25 1.69
N LEU B 361 19.09 11.12 1.19
CA LEU B 361 19.96 10.25 0.37
C LEU B 361 20.51 11.04 -0.85
N ALA B 362 19.62 11.74 -1.56
CA ALA B 362 19.96 12.52 -2.74
C ALA B 362 21.02 13.56 -2.40
N SER B 363 20.86 14.18 -1.23
CA SER B 363 21.78 15.20 -0.72
C SER B 363 23.22 14.64 -0.49
N VAL B 364 23.34 13.42 0.02
CA VAL B 364 24.64 12.78 0.16
C VAL B 364 25.26 12.53 -1.23
N LEU B 365 24.46 11.96 -2.13
CA LEU B 365 24.94 11.64 -3.49
C LEU B 365 25.35 12.89 -4.27
N ALA B 366 24.70 14.02 -3.97
CA ALA B 366 24.98 15.32 -4.61
C ALA B 366 26.30 15.98 -4.22
N GLN B 367 26.82 15.64 -3.04
CA GLN B 367 27.92 16.40 -2.44
C GLN B 367 29.21 15.58 -2.19
N TYR B 368 29.15 14.28 -2.44
CA TYR B 368 30.34 13.45 -2.30
C TYR B 368 30.68 12.78 -3.62
N SER B 369 31.97 12.65 -3.88
CA SER B 369 32.44 11.95 -5.05
C SER B 369 32.22 10.43 -4.92
N PRO B 370 32.28 9.70 -6.06
CA PRO B 370 32.30 8.24 -5.97
C PRO B 370 33.37 7.68 -5.05
N GLN B 371 34.57 8.28 -5.03
CA GLN B 371 35.67 7.79 -4.21
C GLN B 371 35.39 7.98 -2.71
N GLN B 372 34.75 9.09 -2.36
CA GLN B 372 34.34 9.36 -1.00
C GLN B 372 33.20 8.45 -0.52
N LEU B 373 32.44 7.89 -1.46
CA LEU B 373 31.31 7.01 -1.14
C LEU B 373 31.63 5.52 -1.21
N ALA B 374 32.66 5.15 -1.97
CA ALA B 374 32.92 3.75 -2.30
C ALA B 374 33.07 2.89 -1.08
N GLY B 375 32.29 1.81 -1.01
CA GLY B 375 32.44 0.82 0.06
C GLY B 375 31.77 1.19 1.36
N LYS B 376 31.22 2.40 1.44
CA LYS B 376 30.63 2.92 2.68
C LYS B 376 29.28 2.31 2.99
N ARG B 377 28.99 2.23 4.28
CA ARG B 377 27.65 1.89 4.73
C ARG B 377 26.85 3.16 4.95
N ILE B 378 25.68 3.23 4.33
CA ILE B 378 24.72 4.32 4.59
C ILE B 378 23.58 3.75 5.44
N GLY B 379 23.47 4.24 6.67
CA GLY B 379 22.33 3.95 7.53
C GLY B 379 21.15 4.82 7.17
N VAL B 380 19.96 4.21 7.15
CA VAL B 380 18.73 4.89 6.77
C VAL B 380 17.65 4.70 7.82
N PHE B 381 17.24 5.78 8.48
CA PHE B 381 16.11 5.69 9.41
C PHE B 381 14.90 6.34 8.77
N SER B 382 13.88 5.51 8.50
CA SER B 382 12.64 5.98 7.91
C SER B 382 11.52 5.88 8.97
N TYR B 383 10.79 6.98 9.17
CA TYR B 383 9.72 7.07 10.15
C TYR B 383 8.44 7.54 9.47
N GLY B 384 7.33 6.98 9.94
CA GLY B 384 6.02 7.54 9.67
C GLY B 384 5.16 7.52 10.91
N SER B 385 4.53 8.64 11.21
CA SER B 385 3.60 8.76 12.33
C SER B 385 2.46 7.73 12.29
N GLY B 386 1.97 7.35 13.46
CA GLY B 386 0.86 6.43 13.56
C GLY B 386 1.03 5.10 14.25
N LEU B 387 2.21 4.45 14.30
CA LEU B 387 3.44 4.78 13.64
C LEU B 387 4.07 3.52 13.05
N ALA B 388 4.92 3.73 12.05
CA ALA B 388 5.67 2.68 11.36
C ALA B 388 7.08 3.19 11.08
N ALA B 389 8.11 2.40 11.43
CA ALA B 389 9.50 2.79 11.21
C ALA B 389 10.42 1.60 10.94
N THR B 390 11.48 1.89 10.18
CA THR B 390 12.53 0.94 9.89
C THR B 390 13.84 1.66 9.82
N LEU B 391 14.84 1.10 10.50
CA LEU B 391 16.22 1.48 10.24
C LEU B 391 16.84 0.35 9.45
N TYR B 392 17.38 0.70 8.29
CA TYR B 392 17.99 -0.28 7.41
C TYR B 392 19.29 0.33 6.89
N SER B 393 20.02 -0.40 6.06
CA SER B 393 21.27 0.14 5.52
C SER B 393 21.49 -0.22 4.03
N LEU B 394 22.27 0.64 3.39
CA LEU B 394 22.78 0.40 2.05
C LEU B 394 24.28 0.28 2.11
N LYS B 395 24.83 -0.53 1.22
CA LYS B 395 26.29 -0.61 1.01
C LYS B 395 26.61 -0.08 -0.37
N VAL B 396 27.53 0.88 -0.44
CA VAL B 396 27.94 1.44 -1.71
C VAL B 396 28.96 0.51 -2.34
N THR B 397 28.78 0.28 -3.63
CA THR B 397 29.72 -0.48 -4.42
C THR B 397 31.14 0.09 -4.31
N GLN B 398 32.11 -0.77 -4.59
CA GLN B 398 33.51 -0.37 -4.60
C GLN B 398 33.94 0.21 -5.96
N ASP B 399 33.07 0.09 -6.97
CA ASP B 399 33.38 0.61 -8.31
C ASP B 399 33.02 2.10 -8.42
N ALA B 400 34.05 2.92 -8.30
CA ALA B 400 33.97 4.37 -8.38
C ALA B 400 34.68 4.89 -9.65
N THR B 401 34.86 4.01 -10.65
CA THR B 401 35.54 4.40 -11.90
C THR B 401 34.64 5.33 -12.71
N PRO B 402 35.23 6.14 -13.63
CA PRO B 402 34.42 6.92 -14.57
C PRO B 402 33.52 6.05 -15.44
N GLY B 403 32.28 6.49 -15.62
CA GLY B 403 31.27 5.75 -16.37
C GLY B 403 30.60 4.65 -15.55
N SER B 404 31.11 4.37 -14.36
CA SER B 404 30.47 3.37 -13.47
C SER B 404 29.09 3.83 -13.08
N ALA B 405 28.29 2.89 -12.57
CA ALA B 405 26.97 3.18 -12.04
C ALA B 405 27.01 4.23 -10.95
N LEU B 406 28.03 4.16 -10.10
CA LEU B 406 28.17 5.08 -8.98
C LEU B 406 28.47 6.49 -9.50
N ASP B 407 29.33 6.58 -10.52
CA ASP B 407 29.64 7.85 -11.18
C ASP B 407 28.39 8.45 -11.82
N LYS B 408 27.57 7.63 -12.47
CA LYS B 408 26.34 8.11 -13.13
C LYS B 408 25.32 8.61 -12.12
N ILE B 409 25.16 7.91 -11.00
CA ILE B 409 24.14 8.32 -10.02
C ILE B 409 24.58 9.60 -9.30
N THR B 410 25.87 9.73 -8.97
CA THR B 410 26.36 10.95 -8.34
C THR B 410 26.33 12.10 -9.33
N ALA B 411 26.76 11.85 -10.57
CA ALA B 411 26.68 12.87 -11.63
C ALA B 411 25.25 13.36 -11.89
N SER B 412 24.27 12.49 -11.62
CA SER B 412 22.85 12.83 -11.82
C SER B 412 22.29 13.80 -10.78
N LEU B 413 23.06 14.04 -9.72
CA LEU B 413 22.63 14.84 -8.59
C LEU B 413 23.62 15.95 -8.18
N CYS B 414 24.75 16.04 -8.86
CA CYS B 414 25.81 16.95 -8.42
C CYS B 414 25.43 18.42 -8.61
N ASP B 415 24.41 18.69 -9.41
CA ASP B 415 23.82 20.04 -9.56
C ASP B 415 22.63 20.34 -8.63
N LEU B 416 22.40 19.49 -7.62
CA LEU B 416 21.27 19.68 -6.73
C LEU B 416 21.22 21.05 -6.05
N LYS B 417 22.34 21.52 -5.52
CA LYS B 417 22.33 22.82 -4.85
C LYS B 417 22.00 23.93 -5.82
N SER B 418 22.60 23.87 -7.00
CA SER B 418 22.35 24.86 -8.07
C SER B 418 20.85 24.86 -8.49
N ARG B 419 20.26 23.67 -8.63
CA ARG B 419 18.83 23.55 -8.88
C ARG B 419 18.01 24.23 -7.78
N LEU B 420 18.33 23.92 -6.53
CA LEU B 420 17.66 24.57 -5.40
C LEU B 420 17.80 26.09 -5.44
N ASP B 421 19.01 26.58 -5.76
CA ASP B 421 19.23 28.02 -5.76
C ASP B 421 18.58 28.73 -6.97
N SER B 422 18.22 27.97 -8.01
CA SER B 422 17.49 28.51 -9.17
C SER B 422 16.01 28.82 -8.94
N ARG B 423 15.46 28.38 -7.81
CA ARG B 423 14.10 28.67 -7.43
C ARG B 423 13.94 30.15 -7.09
N THR B 424 12.69 30.60 -7.08
CA THR B 424 12.32 31.96 -6.73
C THR B 424 11.71 32.06 -5.33
N GLY B 425 12.26 32.94 -4.51
CA GLY B 425 11.67 33.26 -3.24
C GLY B 425 10.40 34.06 -3.40
N VAL B 426 9.37 33.71 -2.65
CA VAL B 426 8.09 34.45 -2.68
C VAL B 426 7.83 35.03 -1.29
N ALA B 427 7.34 36.26 -1.21
CA ALA B 427 7.12 36.95 0.07
C ALA B 427 6.13 36.19 0.95
N PRO B 428 6.32 36.20 2.28
CA PRO B 428 5.39 35.48 3.18
C PRO B 428 3.91 35.80 3.00
N ASP B 429 3.56 37.06 2.75
CA ASP B 429 2.14 37.42 2.55
C ASP B 429 1.53 36.73 1.32
N VAL B 430 2.31 36.68 0.25
CA VAL B 430 1.92 35.97 -0.97
C VAL B 430 1.81 34.47 -0.70
N PHE B 431 2.80 33.92 0.01
CA PHE B 431 2.73 32.50 0.45
C PHE B 431 1.48 32.20 1.30
N ALA B 432 1.21 33.09 2.26
CA ALA B 432 0.06 32.96 3.15
C ALA B 432 -1.26 32.93 2.38
N GLU B 433 -1.38 33.79 1.36
CA GLU B 433 -2.59 33.84 0.55
C GLU B 433 -2.75 32.59 -0.33
N ASN B 434 -1.65 32.10 -0.87
CA ASN B 434 -1.61 30.81 -1.54
C ASN B 434 -2.17 29.70 -0.64
N MET B 435 -1.73 29.66 0.61
CA MET B 435 -2.21 28.65 1.57
C MET B 435 -3.72 28.78 1.84
N LYS B 436 -4.18 30.01 2.04
CA LYS B 436 -5.60 30.30 2.29
C LYS B 436 -6.48 29.88 1.12
N LEU B 437 -6.06 30.22 -0.08
CA LEU B 437 -6.79 29.83 -1.27
C LEU B 437 -6.82 28.33 -1.49
N ARG B 438 -5.72 27.67 -1.16
CA ARG B 438 -5.62 26.22 -1.24
C ARG B 438 -6.68 25.52 -0.35
N GLU B 439 -6.77 25.95 0.92
CA GLU B 439 -7.87 25.58 1.83
C GLU B 439 -9.23 25.75 1.18
N ASP B 440 -9.44 26.93 0.58
CA ASP B 440 -10.75 27.31 0.05
C ASP B 440 -11.08 26.50 -1.21
N THR B 441 -10.05 26.15 -1.98
CA THR B 441 -10.18 25.34 -3.21
C THR B 441 -10.21 23.80 -2.97
N HIS B 442 -10.02 23.37 -1.72
CA HIS B 442 -9.70 21.96 -1.37
C HIS B 442 -10.77 20.96 -1.91
N HIS B 443 -12.04 21.30 -1.78
CA HIS B 443 -13.13 20.42 -2.23
C HIS B 443 -13.72 20.83 -3.60
N LEU B 444 -13.22 21.92 -4.17
CA LEU B 444 -13.82 22.53 -5.34
C LEU B 444 -13.71 21.62 -6.59
N VAL B 445 -14.79 21.57 -7.38
CA VAL B 445 -14.76 20.93 -8.69
C VAL B 445 -15.11 21.97 -9.75
N ASN B 446 -15.01 21.57 -11.01
CA ASN B 446 -15.29 22.44 -12.11
C ASN B 446 -14.46 23.71 -12.03
N TYR B 447 -13.15 23.53 -11.85
CA TYR B 447 -12.24 24.67 -11.79
C TYR B 447 -10.98 24.46 -12.62
N ILE B 448 -10.39 25.59 -12.97
CA ILE B 448 -9.20 25.68 -13.78
C ILE B 448 -8.16 26.43 -12.95
N PRO B 449 -7.01 25.81 -12.66
CA PRO B 449 -5.98 26.58 -11.95
C PRO B 449 -5.55 27.89 -12.65
N GLN B 450 -5.20 28.86 -11.82
CA GLN B 450 -4.76 30.16 -12.29
C GLN B 450 -3.27 30.40 -12.11
N GLY B 451 -2.56 29.50 -11.43
CA GLY B 451 -1.10 29.61 -11.29
C GLY B 451 -0.35 29.62 -12.61
N SER B 452 0.86 30.18 -12.60
CA SER B 452 1.67 30.28 -13.81
C SER B 452 2.09 28.90 -14.30
N ILE B 453 2.02 28.70 -15.62
CA ILE B 453 2.62 27.54 -16.27
C ILE B 453 4.09 27.82 -16.56
N ASP B 454 4.37 29.03 -17.00
CA ASP B 454 5.70 29.45 -17.44
C ASP B 454 6.75 29.35 -16.32
N SER B 455 6.32 29.57 -15.08
CA SER B 455 7.24 29.55 -13.95
C SER B 455 7.63 28.13 -13.48
N LEU B 456 6.93 27.12 -13.96
CA LEU B 456 7.26 25.74 -13.65
C LEU B 456 8.62 25.44 -14.27
N PHE B 457 9.40 24.58 -13.63
CA PHE B 457 10.59 24.02 -14.27
C PHE B 457 10.25 23.29 -15.58
N GLU B 458 11.19 23.34 -16.52
CA GLU B 458 11.10 22.59 -17.76
C GLU B 458 10.71 21.12 -17.48
N GLY B 459 9.75 20.61 -18.24
CA GLY B 459 9.33 19.21 -18.15
C GLY B 459 8.34 18.88 -17.05
N THR B 460 7.80 19.89 -16.38
CA THR B 460 6.94 19.65 -15.24
C THR B 460 5.49 19.42 -15.72
N TRP B 461 4.87 18.33 -15.24
CA TRP B 461 3.45 18.10 -15.48
C TRP B 461 2.66 19.01 -14.57
N TYR B 462 1.55 19.53 -15.07
CA TYR B 462 0.69 20.40 -14.28
C TYR B 462 -0.79 20.08 -14.52
N LEU B 463 -1.60 20.47 -13.56
CA LEU B 463 -3.06 20.35 -13.63
C LEU B 463 -3.68 21.38 -14.58
N VAL B 464 -4.45 20.88 -15.56
CA VAL B 464 -5.10 21.72 -16.56
C VAL B 464 -6.50 22.13 -16.09
N ARG B 465 -7.23 21.19 -15.48
CA ARG B 465 -8.62 21.38 -15.14
C ARG B 465 -9.05 20.25 -14.24
N VAL B 466 -9.99 20.54 -13.34
CA VAL B 466 -10.78 19.52 -12.64
C VAL B 466 -12.21 19.70 -13.10
N ASP B 467 -12.81 18.70 -13.72
CA ASP B 467 -14.15 18.89 -14.26
C ASP B 467 -15.25 18.72 -13.21
N GLU B 468 -16.49 18.81 -13.64
CA GLU B 468 -17.67 18.73 -12.77
C GLU B 468 -17.80 17.37 -12.07
N LYS B 469 -17.16 16.34 -12.62
CA LYS B 469 -17.17 15.00 -12.04
C LYS B 469 -15.87 14.64 -11.36
N HIS B 470 -15.15 15.67 -10.88
CA HIS B 470 -13.86 15.55 -10.25
C HIS B 470 -12.75 14.94 -11.10
N ARG B 471 -12.93 14.81 -12.39
CA ARG B 471 -11.85 14.18 -13.17
C ARG B 471 -10.80 15.24 -13.49
N ARG B 472 -9.54 14.85 -13.39
CA ARG B 472 -8.41 15.77 -13.59
C ARG B 472 -7.67 15.51 -14.89
N THR B 473 -7.28 16.59 -15.53
CA THR B 473 -6.52 16.56 -16.77
C THR B 473 -5.18 17.25 -16.58
N TYR B 474 -4.15 16.68 -17.19
CA TYR B 474 -2.79 17.16 -17.03
C TYR B 474 -2.14 17.44 -18.36
N ALA B 475 -1.17 18.35 -18.31
CA ALA B 475 -0.33 18.63 -19.46
C ALA B 475 1.11 18.87 -19.02
N ARG B 476 2.04 18.79 -19.96
CA ARG B 476 3.45 18.91 -19.59
C ARG B 476 4.01 20.25 -20.05
N ARG B 477 4.60 20.98 -19.12
CA ARG B 477 5.25 22.25 -19.49
C ARG B 477 6.56 21.92 -20.22
N PRO B 478 6.74 22.45 -21.44
CA PRO B 478 7.89 22.02 -22.26
C PRO B 478 9.24 22.40 -21.69
#